data_6SHL
#
_entry.id   6SHL
#
_cell.length_a   1.00
_cell.length_b   1.00
_cell.length_c   1.00
_cell.angle_alpha   90.00
_cell.angle_beta   90.00
_cell.angle_gamma   90.00
#
_symmetry.space_group_name_H-M   'P 1'
#
loop_
_entity.id
_entity.type
_entity.pdbx_description
1 polymer VP1
2 polymer VP2
3 polymer VP3
4 polymer VP4
#
loop_
_entity_poly.entity_id
_entity_poly.type
_entity_poly.pdbx_seq_one_letter_code
_entity_poly.pdbx_strand_id
1 'polypeptide(L)'
;DNSNNPVGGNPIDNYGTEHAPLLKEDNQYLVYQGERIVSFKDLLRRYQYLNSYWPQETGSGFRYYTLDSPGMPIYRGWDP
NGIDQGQDSTAGNSPYNFCSMTLLNYLAPAFVCQRGSLRHKWVTAGARVNSTASVLSATRHGVLFPLPLAETAHPLDNAL
VGDRRSELQEMQRSRLNGTAITPVRLNNTLEIELPYYSIGQRFHASRFLDLAGTGDTQGVEIACEISDGGNDANYRLDQF
VSVGEDFTLGMFVGAPIMYFYNDPTAT
;
A
2 'polypeptide(L)'
;PSANDGPSFTTSKTSQNTTSENVHFVDGDTPWTYDVAATPDETSKLSGFDDAGLGEFLSRPIKIQQYQWTPGVQLFQTFN
PWSDYFGNADVLEKINRFRNLRCKLCLKVLINGNSFYYGRALLSYNPYLRNDQVTVNRSFFIQDLIAASNKPHILLDPCS
SEGGQMCLPFIWPENYLDITSTGWEDQMGECIIHDFDVLRHANGGTDPITVSIFAWAEDVSLLIPTTVAAQ
;
B
3 'polypeptide(L)'
;SRPAVLSDIQPYVPRYCGNLANSDAPETVNKLSVDSKNELTIDTRTMGLGGADELTIHSIASRMTFWRQFDWPESAVTDT
LLASMSVQPFCIDTVTASPVTEIHSTALAFASAPFETWQGSIKFHFKVVCSEYHRGRLRLVYNPLTNNAGPVAFNQVYST
TIDISNDREFDYECKWTDIRAWNACIGIDGATSATFFNTAAAVTGGTPFDNGTLSVYVVNELATPSTAAADVKVQVWVSA
GDDFAVAVPGVGLSQLSYFQQQ
;
C
4 'polypeptide(L)' EFKHDGLISKPASAVAKAADALSMIPYIAPYAKATSMVADKIGKIARIFGY D
#
# COMPACT_ATOMS: atom_id res chain seq x y z
N ASP A 1 29.21 3.09 -9.28
CA ASP A 1 29.28 4.50 -9.00
C ASP A 1 27.91 5.17 -9.01
N ASN A 2 26.95 4.51 -8.33
CA ASN A 2 25.55 4.95 -8.24
C ASN A 2 24.95 5.03 -9.65
N SER A 3 24.92 3.90 -10.34
CA SER A 3 24.58 3.86 -11.75
C SER A 3 23.51 2.85 -12.12
N ASN A 4 23.05 2.03 -11.17
CA ASN A 4 21.83 1.24 -11.36
C ASN A 4 21.05 1.20 -10.06
N ASN A 5 20.99 2.33 -9.38
CA ASN A 5 20.34 2.40 -8.08
C ASN A 5 18.84 2.27 -8.29
N PRO A 6 18.17 1.35 -7.59
CA PRO A 6 16.72 1.18 -7.79
C PRO A 6 15.90 2.39 -7.38
N VAL A 7 16.44 3.28 -6.55
CA VAL A 7 15.77 4.52 -6.18
C VAL A 7 16.41 5.73 -6.84
N GLY A 8 17.44 5.54 -7.66
CA GLY A 8 18.06 6.64 -8.34
C GLY A 8 18.93 7.48 -7.41
N GLY A 9 19.19 8.70 -7.86
CA GLY A 9 19.86 9.68 -7.00
C GLY A 9 21.30 9.97 -7.39
N ASN A 10 21.50 11.11 -8.04
CA ASN A 10 22.82 11.64 -8.38
C ASN A 10 22.65 13.13 -8.63
N PRO A 11 22.71 13.98 -7.60
CA PRO A 11 22.36 15.39 -7.76
C PRO A 11 23.33 16.18 -8.63
N ILE A 12 22.83 16.70 -9.72
CA ILE A 12 23.56 17.56 -10.64
C ILE A 12 23.13 18.99 -10.34
N ASP A 13 24.05 19.94 -10.57
CA ASP A 13 23.86 21.36 -10.28
C ASP A 13 22.64 21.95 -10.95
N ASN A 14 21.65 22.30 -10.14
CA ASN A 14 20.41 22.89 -10.59
C ASN A 14 20.44 24.39 -10.34
N TYR A 15 19.30 25.04 -10.51
CA TYR A 15 19.22 26.49 -10.67
C TYR A 15 18.98 27.25 -9.38
N GLY A 16 19.39 26.72 -8.25
CA GLY A 16 19.20 27.41 -6.98
C GLY A 16 20.47 27.49 -6.18
N THR A 17 20.70 28.64 -5.55
CA THR A 17 21.77 28.76 -4.58
C THR A 17 21.41 28.10 -3.27
N GLU A 18 20.19 28.33 -2.81
CA GLU A 18 19.72 27.86 -1.51
C GLU A 18 18.94 26.57 -1.69
N HIS A 19 19.38 25.51 -1.03
CA HIS A 19 18.73 24.21 -1.12
C HIS A 19 17.53 24.15 -0.20
N ALA A 20 16.38 23.75 -0.76
CA ALA A 20 15.06 23.62 -0.15
C ALA A 20 14.68 24.85 0.67
N PRO A 21 14.37 25.98 0.03
CA PRO A 21 14.16 27.21 0.80
C PRO A 21 12.80 27.32 1.47
N LEU A 22 11.82 26.49 1.10
CA LEU A 22 10.49 26.61 1.70
C LEU A 22 10.37 25.93 3.05
N LEU A 23 11.39 25.21 3.50
CA LEU A 23 11.40 24.71 4.86
C LEU A 23 11.92 25.74 5.86
N LYS A 24 12.59 26.78 5.39
CA LYS A 24 13.10 27.81 6.27
C LYS A 24 12.09 28.92 6.50
N GLU A 25 10.91 28.83 5.90
CA GLU A 25 9.83 29.79 6.13
C GLU A 25 8.95 29.23 7.24
N ASP A 26 9.26 29.63 8.48
CA ASP A 26 8.59 29.06 9.64
C ASP A 26 7.14 29.54 9.71
N ASN A 27 6.92 30.83 9.55
CA ASN A 27 5.59 31.42 9.64
C ASN A 27 4.93 31.50 8.27
N GLN A 28 4.92 30.40 7.55
CA GLN A 28 4.26 30.37 6.25
C GLN A 28 2.77 30.10 6.39
N TYR A 29 2.40 29.22 7.31
CA TYR A 29 1.01 28.86 7.51
C TYR A 29 0.29 29.81 8.46
N LEU A 30 0.95 30.86 8.93
CA LEU A 30 0.26 31.99 9.50
C LEU A 30 -0.23 32.97 8.45
N VAL A 31 0.17 32.80 7.20
CA VAL A 31 -0.13 33.73 6.14
C VAL A 31 -1.15 33.17 5.17
N TYR A 32 -1.03 31.89 4.81
CA TYR A 32 -1.78 31.33 3.70
C TYR A 32 -2.85 30.34 4.13
N GLN A 33 -2.49 29.29 4.85
CA GLN A 33 -3.43 28.19 5.03
C GLN A 33 -4.06 28.13 6.40
N GLY A 34 -3.33 28.46 7.46
CA GLY A 34 -3.85 28.33 8.81
C GLY A 34 -3.52 27.02 9.49
N GLU A 35 -3.07 26.03 8.75
CA GLU A 35 -2.84 24.69 9.25
C GLU A 35 -1.90 23.99 8.28
N ARG A 36 -1.25 22.94 8.75
CA ARG A 36 -0.43 22.12 7.87
C ARG A 36 -0.84 20.67 7.98
N ILE A 37 -0.89 20.01 6.82
CA ILE A 37 -1.27 18.61 6.71
C ILE A 37 -0.02 17.83 6.36
N VAL A 38 0.47 17.03 7.30
CA VAL A 38 1.71 16.31 7.15
C VAL A 38 1.49 14.82 6.91
N SER A 39 0.54 14.22 7.63
CA SER A 39 0.30 12.79 7.54
C SER A 39 -1.11 12.51 7.03
N PHE A 40 -1.30 11.32 6.47
CA PHE A 40 -2.63 10.84 6.14
C PHE A 40 -3.35 10.26 7.35
N LYS A 41 -2.62 9.81 8.37
CA LYS A 41 -3.27 9.25 9.54
C LYS A 41 -4.00 10.32 10.34
N ASP A 42 -3.57 11.57 10.22
CA ASP A 42 -4.34 12.66 10.78
C ASP A 42 -5.58 12.96 9.95
N LEU A 43 -5.46 12.89 8.62
CA LEU A 43 -6.58 13.22 7.74
C LEU A 43 -7.59 12.08 7.60
N LEU A 44 -7.20 10.83 7.88
CA LEU A 44 -8.14 9.71 7.84
C LEU A 44 -9.16 9.73 8.97
N ARG A 45 -9.04 10.64 9.93
CA ARG A 45 -9.92 10.70 11.08
C ARG A 45 -10.98 11.78 10.93
N ARG A 46 -11.18 12.26 9.71
CA ARG A 46 -12.37 13.02 9.33
C ARG A 46 -13.40 12.06 8.76
N TYR A 47 -14.62 12.13 9.29
CA TYR A 47 -15.71 11.31 8.78
C TYR A 47 -16.15 11.77 7.39
N GLN A 48 -16.57 10.82 6.57
CA GLN A 48 -17.03 11.14 5.23
C GLN A 48 -18.22 10.26 4.89
N TYR A 49 -19.22 10.86 4.25
CA TYR A 49 -20.45 10.17 3.87
C TYR A 49 -20.17 9.07 2.88
N LEU A 50 -20.56 7.84 3.24
CA LEU A 50 -20.40 6.70 2.34
C LEU A 50 -21.66 6.40 1.54
N ASN A 51 -22.76 6.05 2.21
CA ASN A 51 -23.90 5.49 1.50
C ASN A 51 -25.14 5.60 2.37
N SER A 52 -26.30 5.60 1.72
CA SER A 52 -27.59 5.67 2.39
C SER A 52 -28.40 4.41 2.10
N TYR A 53 -29.31 4.10 3.03
CA TYR A 53 -30.01 2.83 3.09
C TYR A 53 -31.47 3.08 3.44
N TRP A 54 -32.40 2.56 2.64
CA TRP A 54 -33.81 2.81 2.88
C TRP A 54 -34.48 1.59 3.48
N PRO A 55 -34.95 1.64 4.74
CA PRO A 55 -35.53 0.45 5.38
C PRO A 55 -36.87 0.01 4.83
N GLN A 56 -37.67 0.88 4.22
CA GLN A 56 -38.94 0.43 3.64
C GLN A 56 -38.72 0.03 2.16
N GLU A 57 -37.90 -0.98 1.98
CA GLU A 57 -37.71 -1.55 0.66
C GLU A 57 -37.56 -3.07 0.72
N THR A 58 -37.60 -3.67 1.92
CA THR A 58 -37.31 -5.08 2.10
C THR A 58 -38.50 -5.91 2.52
N GLY A 59 -39.27 -5.45 3.53
CA GLY A 59 -40.36 -6.27 4.02
C GLY A 59 -41.74 -5.69 3.81
N SER A 60 -42.68 -6.06 4.67
CA SER A 60 -44.05 -5.56 4.58
C SER A 60 -44.67 -5.61 5.96
N GLY A 61 -45.59 -4.67 6.21
CA GLY A 61 -46.15 -4.52 7.54
C GLY A 61 -45.21 -3.74 8.44
N PHE A 62 -45.41 -3.90 9.75
CA PHE A 62 -44.46 -3.39 10.73
C PHE A 62 -43.42 -4.46 10.94
N ARG A 63 -42.15 -4.11 10.76
CA ARG A 63 -41.09 -5.10 10.79
C ARG A 63 -39.81 -4.43 11.30
N TYR A 64 -38.75 -5.23 11.36
CA TYR A 64 -37.47 -4.82 11.94
C TYR A 64 -36.46 -4.98 10.82
N TYR A 65 -36.02 -3.87 10.24
CA TYR A 65 -35.03 -3.88 9.18
C TYR A 65 -33.64 -4.12 9.76
N THR A 66 -32.92 -5.09 9.20
CA THR A 66 -31.55 -5.38 9.58
C THR A 66 -30.67 -5.37 8.34
N LEU A 67 -29.47 -4.81 8.48
CA LEU A 67 -28.53 -4.65 7.38
C LEU A 67 -27.16 -5.15 7.84
N ASP A 68 -26.66 -6.19 7.18
CA ASP A 68 -25.33 -6.72 7.42
C ASP A 68 -24.36 -6.01 6.49
N SER A 69 -23.56 -5.11 7.04
CA SER A 69 -22.61 -4.33 6.28
C SER A 69 -21.19 -4.65 6.73
N PRO A 70 -20.21 -4.54 5.84
CA PRO A 70 -18.82 -4.68 6.27
C PRO A 70 -18.40 -3.52 7.15
N GLY A 71 -17.35 -3.75 7.94
CA GLY A 71 -16.77 -2.66 8.70
C GLY A 71 -15.98 -1.70 7.84
N MET A 72 -15.37 -2.21 6.78
CA MET A 72 -14.69 -1.34 5.84
C MET A 72 -15.65 -0.92 4.73
N PRO A 73 -15.63 0.37 4.35
CA PRO A 73 -16.50 0.84 3.28
C PRO A 73 -16.30 0.14 1.93
N ILE A 74 -17.42 -0.14 1.27
CA ILE A 74 -17.39 -0.75 -0.06
C ILE A 74 -16.91 0.27 -1.09
N TYR A 75 -16.51 -0.24 -2.24
CA TYR A 75 -15.82 0.60 -3.23
C TYR A 75 -16.77 1.12 -4.29
N ARG A 76 -16.30 2.13 -5.01
CA ARG A 76 -17.15 3.15 -5.61
C ARG A 76 -17.71 2.78 -6.98
N GLY A 77 -17.12 1.88 -7.72
CA GLY A 77 -17.41 1.86 -9.14
C GLY A 77 -18.20 0.68 -9.64
N TRP A 78 -17.91 0.28 -10.88
CA TRP A 78 -18.58 -0.82 -11.54
C TRP A 78 -18.16 -2.17 -10.99
N ASP A 79 -18.79 -2.61 -9.91
CA ASP A 79 -18.45 -3.93 -9.39
C ASP A 79 -19.01 -5.01 -10.31
N PRO A 80 -18.43 -6.21 -10.27
CA PRO A 80 -19.16 -7.39 -10.72
C PRO A 80 -20.16 -7.89 -9.68
N ASN A 81 -20.07 -7.41 -8.45
CA ASN A 81 -20.91 -7.83 -7.33
C ASN A 81 -21.52 -6.62 -6.64
N GLY A 82 -21.99 -5.65 -7.41
CA GLY A 82 -22.47 -4.41 -6.84
C GLY A 82 -23.89 -4.50 -6.35
N ILE A 83 -24.21 -3.63 -5.39
CA ILE A 83 -25.53 -3.63 -4.76
C ILE A 83 -26.55 -2.84 -5.54
N ASP A 84 -26.15 -2.12 -6.58
CA ASP A 84 -27.08 -1.38 -7.42
C ASP A 84 -26.86 -1.75 -8.88
N GLN A 85 -27.56 -1.09 -9.78
CA GLN A 85 -27.51 -1.48 -11.19
C GLN A 85 -27.53 -0.22 -12.04
N GLY A 86 -26.49 -0.02 -12.85
CA GLY A 86 -26.37 1.13 -13.70
C GLY A 86 -26.35 0.77 -15.18
N GLN A 87 -26.59 1.78 -16.00
CA GLN A 87 -26.59 1.63 -17.45
C GLN A 87 -25.17 1.83 -17.97
N ASP A 88 -24.63 0.82 -18.63
CA ASP A 88 -23.24 0.83 -19.03
C ASP A 88 -23.08 1.37 -20.45
N SER A 89 -21.89 1.21 -21.02
CA SER A 89 -21.55 1.77 -22.32
C SER A 89 -22.18 1.04 -23.48
N THR A 90 -22.66 -0.19 -23.28
CA THR A 90 -23.32 -0.95 -24.33
C THR A 90 -24.83 -0.75 -24.33
N ALA A 91 -25.31 0.30 -23.66
CA ALA A 91 -26.74 0.58 -23.45
C ALA A 91 -27.47 -0.60 -22.80
N GLY A 92 -26.81 -1.26 -21.86
CA GLY A 92 -27.40 -2.36 -21.14
C GLY A 92 -27.44 -2.08 -19.65
N ASN A 93 -27.08 -3.06 -18.84
CA ASN A 93 -27.07 -2.91 -17.39
C ASN A 93 -25.91 -3.69 -16.81
N SER A 94 -25.39 -3.20 -15.69
CA SER A 94 -24.27 -3.83 -15.00
C SER A 94 -24.35 -3.46 -13.53
N PRO A 95 -23.81 -4.29 -12.63
CA PRO A 95 -23.78 -3.93 -11.21
C PRO A 95 -22.90 -2.72 -10.95
N TYR A 96 -23.32 -1.89 -10.00
CA TYR A 96 -22.68 -0.63 -9.73
C TYR A 96 -22.97 -0.24 -8.28
N ASN A 97 -21.98 0.35 -7.62
CA ASN A 97 -22.18 0.93 -6.29
C ASN A 97 -22.34 2.43 -6.43
N PHE A 98 -23.43 2.97 -5.91
CA PHE A 98 -23.58 4.42 -5.86
C PHE A 98 -23.16 4.96 -4.49
N CYS A 99 -21.93 4.63 -4.11
CA CYS A 99 -21.33 5.10 -2.87
C CYS A 99 -20.21 6.06 -3.21
N SER A 100 -19.69 6.72 -2.17
CA SER A 100 -18.66 7.71 -2.37
C SER A 100 -17.28 7.07 -2.31
N MET A 101 -16.29 7.81 -2.79
CA MET A 101 -14.90 7.35 -2.81
C MET A 101 -14.21 7.99 -1.61
N THR A 102 -14.15 7.27 -0.51
CA THR A 102 -13.57 7.84 0.70
C THR A 102 -12.05 7.78 0.62
N LEU A 103 -11.40 8.46 1.57
CA LEU A 103 -9.95 8.45 1.63
C LEU A 103 -9.42 7.09 2.05
N LEU A 104 -10.20 6.35 2.84
CA LEU A 104 -9.82 4.99 3.22
C LEU A 104 -9.87 4.05 2.03
N ASN A 105 -10.92 4.17 1.21
CA ASN A 105 -11.01 3.39 -0.03
C ASN A 105 -9.92 3.77 -1.01
N TYR A 106 -9.46 5.02 -0.97
CA TYR A 106 -8.39 5.46 -1.85
C TYR A 106 -7.04 4.91 -1.40
N LEU A 107 -6.74 5.01 -0.11
CA LEU A 107 -5.41 4.65 0.35
C LEU A 107 -5.22 3.16 0.54
N ALA A 108 -6.27 2.39 0.79
CA ALA A 108 -6.05 1.01 1.17
C ALA A 108 -5.53 0.05 0.08
N PRO A 109 -5.96 0.06 -1.19
CA PRO A 109 -5.35 -0.88 -2.14
C PRO A 109 -3.94 -0.54 -2.60
N ALA A 110 -3.32 0.52 -2.11
CA ALA A 110 -1.94 0.79 -2.41
C ALA A 110 -0.98 0.25 -1.37
N PHE A 111 -1.50 -0.38 -0.32
CA PHE A 111 -0.71 -0.97 0.74
C PHE A 111 -1.00 -2.46 0.79
N VAL A 112 -0.04 -3.23 1.31
CA VAL A 112 -0.20 -4.67 1.36
C VAL A 112 -1.06 -5.09 2.54
N CYS A 113 -0.73 -4.61 3.72
CA CYS A 113 -1.29 -5.06 4.98
C CYS A 113 -2.29 -4.05 5.51
N GLN A 114 -3.17 -4.50 6.40
CA GLN A 114 -4.13 -3.61 7.03
C GLN A 114 -4.54 -4.16 8.39
N ARG A 115 -4.57 -3.29 9.39
CA ARG A 115 -5.00 -3.67 10.73
C ARG A 115 -5.51 -2.43 11.44
N GLY A 116 -6.60 -2.57 12.18
CA GLY A 116 -7.04 -1.53 13.08
C GLY A 116 -8.54 -1.49 13.22
N SER A 117 -8.99 -0.71 14.20
CA SER A 117 -10.42 -0.53 14.44
C SER A 117 -10.97 0.53 13.50
N LEU A 118 -12.27 0.46 13.24
CA LEU A 118 -12.90 1.36 12.27
C LEU A 118 -14.17 1.95 12.85
N ARG A 119 -14.38 3.25 12.68
CA ARG A 119 -15.46 3.97 13.34
C ARG A 119 -16.58 4.27 12.34
N HIS A 120 -17.82 4.15 12.80
CA HIS A 120 -19.00 4.43 11.97
C HIS A 120 -19.94 5.39 12.70
N LYS A 121 -20.71 6.12 11.90
CA LYS A 121 -21.85 6.90 12.38
C LYS A 121 -23.06 6.62 11.51
N TRP A 122 -24.22 6.50 12.14
CA TRP A 122 -25.48 6.19 11.45
C TRP A 122 -26.48 7.27 11.84
N VAL A 123 -26.98 8.01 10.85
CA VAL A 123 -27.43 9.38 11.11
C VAL A 123 -28.95 9.46 11.12
N THR A 124 -29.62 8.61 10.34
CA THR A 124 -31.08 8.45 10.31
C THR A 124 -31.79 9.75 9.93
N ALA A 125 -31.63 10.19 8.70
CA ALA A 125 -32.29 11.40 8.22
C ALA A 125 -33.58 11.04 7.47
N GLY A 126 -34.18 12.03 6.82
CA GLY A 126 -35.34 11.79 5.99
C GLY A 126 -36.64 12.27 6.60
N ALA A 127 -37.74 11.60 6.25
CA ALA A 127 -39.03 11.79 6.88
C ALA A 127 -39.37 10.57 7.71
N ARG A 128 -40.44 10.68 8.49
CA ARG A 128 -40.90 9.59 9.34
C ARG A 128 -42.35 9.84 9.72
N VAL A 129 -43.00 8.81 10.21
CA VAL A 129 -44.36 8.96 10.69
C VAL A 129 -44.31 9.37 12.16
N ASN A 130 -45.39 9.97 12.63
CA ASN A 130 -45.43 10.46 14.00
C ASN A 130 -45.55 9.34 15.03
N SER A 131 -45.93 8.14 14.63
CA SER A 131 -46.04 7.01 15.55
C SER A 131 -44.82 6.10 15.46
N THR A 132 -43.67 6.65 15.83
CA THR A 132 -42.43 5.88 15.93
C THR A 132 -41.78 6.11 17.27
N ALA A 133 -41.30 5.03 17.88
CA ALA A 133 -40.43 5.08 19.04
C ALA A 133 -39.35 4.04 18.89
N SER A 134 -38.82 3.91 17.68
CA SER A 134 -37.90 2.83 17.35
C SER A 134 -36.55 3.03 18.02
N VAL A 135 -35.78 1.94 18.06
CA VAL A 135 -34.42 1.95 18.58
C VAL A 135 -33.48 1.50 17.46
N LEU A 136 -32.51 2.35 17.15
CA LEU A 136 -31.46 2.02 16.21
C LEU A 136 -30.35 1.30 16.96
N SER A 137 -29.91 0.16 16.44
CA SER A 137 -28.95 -0.65 17.16
C SER A 137 -27.87 -1.20 16.22
N ALA A 138 -26.64 -1.21 16.71
CA ALA A 138 -25.50 -1.76 16.00
C ALA A 138 -24.94 -2.91 16.81
N THR A 139 -24.69 -4.04 16.17
CA THR A 139 -24.11 -5.19 16.86
C THR A 139 -23.19 -5.95 15.94
N ARG A 140 -22.03 -6.35 16.47
CA ARG A 140 -20.97 -6.90 15.66
C ARG A 140 -21.14 -8.40 15.43
N HIS A 141 -20.62 -8.87 14.29
CA HIS A 141 -20.64 -10.28 13.95
C HIS A 141 -19.36 -10.97 14.39
N GLY A 142 -19.33 -12.29 14.20
CA GLY A 142 -18.16 -13.07 14.50
C GLY A 142 -17.06 -12.87 13.48
N VAL A 143 -15.89 -13.37 13.82
CA VAL A 143 -14.70 -13.14 13.02
C VAL A 143 -14.26 -14.41 12.29
N LEU A 144 -15.11 -15.42 12.22
CA LEU A 144 -14.83 -16.62 11.47
C LEU A 144 -15.41 -16.57 10.07
N PHE A 145 -16.68 -16.19 9.95
CA PHE A 145 -17.38 -16.13 8.66
C PHE A 145 -17.73 -14.70 8.32
N PRO A 146 -17.09 -14.11 7.31
CA PRO A 146 -17.48 -12.76 6.86
C PRO A 146 -18.78 -12.81 6.05
N LEU A 147 -19.79 -12.12 6.55
CA LEU A 147 -21.06 -12.07 5.82
C LEU A 147 -21.04 -10.94 4.80
N PRO A 148 -21.58 -11.17 3.60
CA PRO A 148 -21.68 -10.10 2.61
C PRO A 148 -22.72 -9.06 3.02
N LEU A 149 -22.74 -7.97 2.25
CA LEU A 149 -23.69 -6.89 2.50
C LEU A 149 -25.08 -7.36 2.12
N ALA A 150 -25.98 -7.45 3.10
CA ALA A 150 -27.30 -8.00 2.85
C ALA A 150 -28.33 -7.24 3.67
N GLU A 151 -29.59 -7.36 3.26
CA GLU A 151 -30.71 -6.68 3.90
C GLU A 151 -31.80 -7.70 4.19
N THR A 152 -32.35 -7.65 5.39
CA THR A 152 -33.33 -8.62 5.86
C THR A 152 -34.38 -7.86 6.64
N ALA A 153 -35.62 -8.34 6.62
CA ALA A 153 -36.69 -7.80 7.44
C ALA A 153 -37.24 -8.89 8.33
N HIS A 154 -37.44 -8.59 9.61
CA HIS A 154 -38.05 -9.52 10.54
C HIS A 154 -39.44 -9.01 10.93
N PRO A 155 -40.52 -9.71 10.61
CA PRO A 155 -41.86 -9.20 10.94
C PRO A 155 -42.16 -9.24 12.43
N LEU A 156 -42.72 -8.14 12.94
CA LEU A 156 -43.06 -8.04 14.35
C LEU A 156 -44.55 -7.90 14.63
N ASP A 157 -45.40 -7.94 13.61
CA ASP A 157 -46.83 -7.67 13.79
C ASP A 157 -47.68 -8.92 13.68
N ASN A 158 -47.17 -10.04 14.18
CA ASN A 158 -47.92 -11.28 14.14
C ASN A 158 -49.02 -11.27 15.21
N ALA A 159 -49.94 -12.22 15.11
CA ALA A 159 -50.98 -12.36 16.13
C ALA A 159 -50.41 -12.99 17.40
N LEU A 160 -49.46 -13.89 17.26
CA LEU A 160 -48.83 -14.52 18.42
C LEU A 160 -47.68 -13.66 18.92
N VAL A 161 -47.59 -13.53 20.25
CA VAL A 161 -46.47 -12.82 20.84
C VAL A 161 -45.22 -13.69 20.78
N GLY A 162 -45.38 -15.00 20.86
CA GLY A 162 -44.24 -15.90 20.74
C GLY A 162 -43.62 -15.90 19.36
N ASP A 163 -44.42 -15.68 18.32
CA ASP A 163 -43.87 -15.61 16.97
C ASP A 163 -43.31 -14.23 16.64
N ARG A 164 -43.47 -13.26 17.55
CA ARG A 164 -42.73 -12.01 17.53
C ARG A 164 -41.40 -12.16 18.26
N ARG A 165 -41.43 -12.86 19.39
CA ARG A 165 -40.22 -13.13 20.14
C ARG A 165 -39.26 -14.04 19.38
N SER A 166 -39.80 -14.97 18.59
CA SER A 166 -38.94 -15.81 17.77
C SER A 166 -38.30 -15.03 16.62
N GLU A 167 -38.89 -13.91 16.22
CA GLU A 167 -38.25 -13.04 15.24
C GLU A 167 -37.24 -12.11 15.88
N LEU A 168 -37.47 -11.70 17.13
CA LEU A 168 -36.46 -10.93 17.84
C LEU A 168 -35.26 -11.77 18.28
N GLN A 169 -35.39 -13.09 18.26
CA GLN A 169 -34.27 -13.98 18.59
C GLN A 169 -33.52 -14.48 17.37
N GLU A 170 -33.96 -14.13 16.16
CA GLU A 170 -33.20 -14.38 14.94
C GLU A 170 -32.19 -13.29 14.67
N MET A 171 -32.09 -12.30 15.55
CA MET A 171 -31.30 -11.10 15.36
C MET A 171 -30.01 -11.16 16.16
N GLN A 172 -28.99 -10.47 15.63
CA GLN A 172 -27.70 -10.37 16.28
C GLN A 172 -27.75 -9.45 17.50
N ARG A 173 -28.81 -8.65 17.63
CA ARG A 173 -29.00 -7.78 18.78
C ARG A 173 -29.25 -8.57 20.06
N SER A 174 -29.72 -9.80 19.94
CA SER A 174 -30.03 -10.67 21.06
C SER A 174 -28.84 -11.45 21.56
N ARG A 175 -27.64 -11.20 21.05
CA ARG A 175 -26.49 -12.04 21.30
C ARG A 175 -25.53 -11.39 22.27
N LEU A 176 -24.51 -12.15 22.67
CA LEU A 176 -23.52 -11.73 23.64
C LEU A 176 -22.47 -10.80 23.04
N ASN A 177 -22.46 -10.62 21.73
CA ASN A 177 -21.56 -9.69 21.06
C ASN A 177 -21.89 -8.25 21.46
N GLY A 178 -20.97 -7.33 21.13
CA GLY A 178 -21.11 -5.96 21.58
C GLY A 178 -22.23 -5.24 20.87
N THR A 179 -23.13 -4.63 21.64
CA THR A 179 -24.33 -4.02 21.11
C THR A 179 -24.41 -2.57 21.60
N ALA A 180 -24.75 -1.66 20.71
CA ALA A 180 -25.04 -0.28 21.05
C ALA A 180 -26.43 0.05 20.55
N ILE A 181 -27.29 0.56 21.43
CA ILE A 181 -28.65 0.93 21.07
C ILE A 181 -28.85 2.41 21.34
N THR A 182 -29.82 2.99 20.64
CA THR A 182 -30.21 4.39 20.88
C THR A 182 -31.66 4.55 20.43
N PRO A 183 -32.40 5.46 21.04
CA PRO A 183 -33.72 5.79 20.49
C PRO A 183 -33.63 6.83 19.39
N VAL A 184 -34.40 6.59 18.33
CA VAL A 184 -34.37 7.46 17.16
C VAL A 184 -35.04 8.79 17.45
N ARG A 185 -36.07 8.80 18.30
CA ARG A 185 -36.75 10.03 18.64
C ARG A 185 -35.96 10.92 19.59
N LEU A 186 -34.85 10.46 20.11
CA LEU A 186 -34.13 11.24 21.11
C LEU A 186 -32.66 11.50 20.74
N ASN A 187 -31.99 10.57 20.08
CA ASN A 187 -30.60 10.80 19.72
C ASN A 187 -30.28 10.52 18.26
N ASN A 188 -30.89 9.48 17.69
CA ASN A 188 -30.79 9.00 16.29
C ASN A 188 -29.37 8.92 15.71
N THR A 189 -28.36 8.69 16.55
CA THR A 189 -26.98 8.60 16.06
C THR A 189 -26.23 7.61 16.94
N LEU A 190 -25.55 6.64 16.31
CA LEU A 190 -24.92 5.56 17.05
C LEU A 190 -23.49 5.87 17.48
N GLU A 191 -22.62 6.21 16.52
CA GLU A 191 -21.20 6.49 16.73
C GLU A 191 -20.49 5.28 17.36
N ILE A 192 -20.39 4.23 16.57
CA ILE A 192 -19.82 2.98 17.03
C ILE A 192 -18.38 2.85 16.53
N GLU A 193 -17.65 1.87 17.08
CA GLU A 193 -16.31 1.54 16.64
C GLU A 193 -16.13 0.02 16.66
N LEU A 194 -15.71 -0.53 15.52
CA LEU A 194 -15.53 -1.97 15.38
C LEU A 194 -14.09 -2.31 15.71
N PRO A 195 -13.83 -3.11 16.74
CA PRO A 195 -12.46 -3.49 17.07
C PRO A 195 -11.96 -4.58 16.14
N TYR A 196 -10.64 -4.79 16.18
CA TYR A 196 -10.01 -5.75 15.28
C TYR A 196 -9.77 -7.04 16.04
N TYR A 197 -10.82 -7.86 16.10
CA TYR A 197 -10.72 -9.23 16.55
C TYR A 197 -10.36 -10.11 15.36
N SER A 198 -9.66 -11.22 15.64
CA SER A 198 -9.13 -12.03 14.56
C SER A 198 -8.79 -13.42 15.07
N ILE A 199 -8.87 -14.39 14.17
CA ILE A 199 -8.47 -15.78 14.48
C ILE A 199 -6.98 -15.86 14.18
N GLY A 200 -6.18 -15.37 15.13
CA GLY A 200 -4.74 -15.40 15.03
C GLY A 200 -4.13 -14.65 13.86
N GLN A 201 -4.79 -13.59 13.39
CA GLN A 201 -4.39 -12.90 12.17
C GLN A 201 -3.68 -11.60 12.53
N ARG A 202 -2.51 -11.38 11.94
CA ARG A 202 -1.76 -10.17 12.19
C ARG A 202 -2.22 -8.99 11.35
N PHE A 203 -2.83 -9.26 10.20
CA PHE A 203 -3.36 -8.25 9.29
C PHE A 203 -4.28 -8.98 8.31
N HIS A 204 -4.84 -8.23 7.37
CA HIS A 204 -5.58 -8.84 6.27
C HIS A 204 -5.22 -8.12 4.99
N ALA A 205 -5.74 -8.64 3.89
CA ALA A 205 -5.39 -8.16 2.56
C ALA A 205 -6.02 -6.79 2.33
N SER A 206 -5.18 -5.76 2.32
CA SER A 206 -5.63 -4.40 2.09
C SER A 206 -6.02 -4.15 0.65
N ARG A 207 -5.66 -5.05 -0.26
CA ARG A 207 -5.97 -4.92 -1.68
C ARG A 207 -7.16 -5.78 -2.09
N PHE A 208 -8.13 -5.94 -1.19
CA PHE A 208 -9.30 -6.76 -1.42
C PHE A 208 -10.48 -5.84 -1.72
N LEU A 209 -10.93 -5.85 -2.98
CA LEU A 209 -11.92 -4.92 -3.48
C LEU A 209 -13.35 -5.42 -3.34
N ASP A 210 -13.55 -6.71 -3.12
CA ASP A 210 -14.88 -7.29 -3.17
C ASP A 210 -15.47 -7.40 -1.77
N LEU A 211 -15.78 -6.24 -1.20
CA LEU A 211 -16.35 -6.20 0.13
C LEU A 211 -17.87 -6.36 0.13
N ALA A 212 -18.53 -6.01 -0.96
CA ALA A 212 -19.99 -6.12 -1.01
C ALA A 212 -20.46 -7.54 -1.29
N GLY A 213 -19.59 -8.40 -1.83
CA GLY A 213 -19.99 -9.75 -2.14
C GLY A 213 -19.41 -10.79 -1.20
N THR A 214 -18.43 -10.38 -0.41
CA THR A 214 -17.79 -11.25 0.56
C THR A 214 -17.88 -10.73 1.98
N GLY A 215 -17.65 -9.45 2.20
CA GLY A 215 -17.57 -8.89 3.52
C GLY A 215 -16.18 -9.10 4.12
N ASP A 216 -15.99 -8.54 5.31
CA ASP A 216 -14.77 -8.75 6.06
C ASP A 216 -15.11 -9.27 7.45
N THR A 217 -14.09 -9.41 8.28
CA THR A 217 -14.23 -9.93 9.63
C THR A 217 -14.55 -8.85 10.66
N GLN A 218 -14.87 -7.64 10.21
CA GLN A 218 -15.32 -6.58 11.10
C GLN A 218 -16.74 -6.14 10.78
N GLY A 219 -17.58 -7.07 10.29
CA GLY A 219 -18.92 -6.70 9.90
C GLY A 219 -19.79 -6.29 11.07
N VAL A 220 -20.85 -5.56 10.75
CA VAL A 220 -21.77 -5.05 11.76
C VAL A 220 -23.18 -5.18 11.19
N GLU A 221 -24.13 -5.51 12.07
CA GLU A 221 -25.55 -5.52 11.74
C GLU A 221 -26.22 -4.30 12.35
N ILE A 222 -26.87 -3.52 11.49
CA ILE A 222 -27.58 -2.31 11.87
C ILE A 222 -29.06 -2.61 11.80
N ALA A 223 -29.79 -2.25 12.84
CA ALA A 223 -31.17 -2.68 12.96
C ALA A 223 -32.05 -1.52 13.38
N CYS A 224 -33.23 -1.43 12.78
CA CYS A 224 -34.12 -0.29 12.98
C CYS A 224 -35.54 -0.70 12.60
N GLU A 225 -36.52 -0.26 13.40
CA GLU A 225 -37.90 -0.62 13.15
C GLU A 225 -38.50 0.24 12.05
N ILE A 226 -39.40 -0.34 11.27
CA ILE A 226 -40.02 0.38 10.17
C ILE A 226 -41.45 -0.12 10.00
N SER A 227 -42.34 0.78 9.59
CA SER A 227 -43.72 0.45 9.28
C SER A 227 -43.99 0.67 7.81
N ASP A 228 -45.08 0.08 7.32
CA ASP A 228 -45.39 0.09 5.89
C ASP A 228 -46.23 1.28 5.47
N GLY A 229 -46.55 2.19 6.38
CA GLY A 229 -47.30 3.36 6.02
C GLY A 229 -46.46 4.34 5.23
N GLY A 230 -47.15 5.22 4.49
CA GLY A 230 -46.46 6.29 3.80
C GLY A 230 -45.85 7.28 4.74
N ASN A 231 -44.92 8.09 4.19
CA ASN A 231 -43.99 9.04 4.82
C ASN A 231 -42.84 8.33 5.52
N ASP A 232 -42.87 7.01 5.59
CA ASP A 232 -41.69 6.23 5.93
C ASP A 232 -40.92 5.79 4.72
N ALA A 233 -41.42 6.07 3.52
CA ALA A 233 -40.70 5.75 2.29
C ALA A 233 -39.47 6.61 2.12
N ASN A 234 -39.42 7.76 2.81
CA ASN A 234 -38.29 8.67 2.79
C ASN A 234 -37.41 8.53 4.01
N TYR A 235 -37.73 7.59 4.89
CA TYR A 235 -36.90 7.28 6.05
C TYR A 235 -35.68 6.51 5.59
N ARG A 236 -34.49 7.00 5.93
CA ARG A 236 -33.26 6.35 5.50
C ARG A 236 -32.21 6.43 6.60
N LEU A 237 -31.08 5.77 6.34
CA LEU A 237 -29.94 5.71 7.24
C LEU A 237 -28.72 6.16 6.44
N ASP A 238 -27.96 7.10 6.98
CA ASP A 238 -26.74 7.57 6.34
C ASP A 238 -25.53 7.02 7.08
N GLN A 239 -24.58 6.47 6.34
CA GLN A 239 -23.38 5.91 6.94
C GLN A 239 -22.21 6.87 6.74
N PHE A 240 -21.58 7.26 7.84
CA PHE A 240 -20.36 8.05 7.82
C PHE A 240 -19.25 7.16 8.32
N VAL A 241 -18.17 7.04 7.56
CA VAL A 241 -17.08 6.14 7.92
C VAL A 241 -15.86 6.94 8.32
N SER A 242 -15.09 6.38 9.25
CA SER A 242 -13.78 6.90 9.61
C SER A 242 -12.97 5.78 10.25
N VAL A 243 -11.87 6.16 10.86
CA VAL A 243 -10.76 5.27 11.16
C VAL A 243 -10.44 5.38 12.65
N GLY A 244 -10.34 4.23 13.32
CA GLY A 244 -10.03 4.19 14.73
C GLY A 244 -8.57 4.48 15.00
N GLU A 245 -8.19 4.38 16.27
CA GLU A 245 -6.91 4.94 16.68
C GLU A 245 -5.77 3.94 16.62
N ASP A 246 -6.05 2.63 16.64
CA ASP A 246 -5.02 1.61 16.46
C ASP A 246 -4.88 1.16 15.01
N PHE A 247 -5.19 2.04 14.06
CA PHE A 247 -5.23 1.68 12.66
C PHE A 247 -3.88 1.91 12.00
N THR A 248 -3.49 0.98 11.13
CA THR A 248 -2.24 1.12 10.40
C THR A 248 -2.37 0.40 9.07
N LEU A 249 -1.55 0.84 8.12
CA LEU A 249 -1.42 0.20 6.82
C LEU A 249 0.01 -0.29 6.63
N GLY A 250 0.17 -1.26 5.75
CA GLY A 250 1.41 -2.00 5.67
C GLY A 250 2.49 -1.35 4.84
N MET A 251 3.03 -2.07 3.86
CA MET A 251 4.07 -1.52 3.00
C MET A 251 3.45 -1.00 1.71
N PHE A 252 3.96 0.12 1.23
CA PHE A 252 3.43 0.77 0.04
C PHE A 252 4.00 0.08 -1.19
N VAL A 253 3.13 -0.50 -2.02
CA VAL A 253 3.56 -1.17 -3.23
C VAL A 253 3.00 -0.48 -4.45
N GLY A 254 2.78 0.81 -4.36
CA GLY A 254 2.41 1.55 -5.55
C GLY A 254 0.92 1.76 -5.65
N ALA A 255 0.56 2.82 -6.38
CA ALA A 255 -0.84 3.10 -6.63
C ALA A 255 -1.44 2.02 -7.52
N PRO A 256 -2.71 1.71 -7.34
CA PRO A 256 -3.38 0.80 -8.27
C PRO A 256 -3.71 1.47 -9.59
N ILE A 257 -4.24 0.69 -10.54
CA ILE A 257 -4.79 1.28 -11.75
C ILE A 257 -6.10 1.95 -11.41
N MET A 258 -6.24 3.21 -11.79
CA MET A 258 -7.42 3.99 -11.47
C MET A 258 -8.27 4.18 -12.71
N TYR A 259 -9.49 4.64 -12.50
CA TYR A 259 -10.46 4.84 -13.56
C TYR A 259 -11.27 6.08 -13.25
N PHE A 260 -11.50 6.92 -14.25
CA PHE A 260 -12.21 8.18 -14.07
C PHE A 260 -13.47 8.17 -14.91
N TYR A 261 -14.62 8.31 -14.25
CA TYR A 261 -15.93 8.36 -14.88
C TYR A 261 -16.96 8.85 -13.88
N ASN A 262 -18.00 9.49 -14.38
CA ASN A 262 -19.10 9.94 -13.55
C ASN A 262 -20.05 8.79 -13.29
N ASP A 263 -21.04 9.03 -12.43
CA ASP A 263 -22.03 8.01 -12.16
C ASP A 263 -22.97 7.85 -13.36
N PRO A 264 -23.32 6.62 -13.72
CA PRO A 264 -24.27 6.43 -14.82
C PRO A 264 -25.71 6.66 -14.39
N THR A 265 -26.65 6.45 -15.29
CA THR A 265 -28.06 6.50 -14.93
C THR A 265 -28.43 5.19 -14.24
N ALA A 266 -29.01 5.30 -13.05
CA ALA A 266 -29.33 4.13 -12.25
C ALA A 266 -30.54 3.41 -12.83
N THR A 267 -30.34 2.16 -13.23
CA THR A 267 -31.44 1.32 -13.70
C THR A 267 -31.49 0.03 -12.88
N PRO B 1 31.37 -49.98 36.20
CA PRO B 1 32.19 -49.70 37.38
C PRO B 1 32.78 -50.96 38.00
N SER B 2 32.06 -51.49 38.97
CA SER B 2 32.45 -52.70 39.67
C SER B 2 31.84 -53.92 38.97
N ALA B 3 31.86 -55.06 39.68
CA ALA B 3 31.14 -56.29 39.33
C ALA B 3 31.61 -56.86 37.99
N ASN B 4 32.87 -57.30 37.99
CA ASN B 4 33.40 -58.33 37.10
C ASN B 4 33.60 -57.82 35.66
N ASP B 5 33.73 -56.52 35.46
CA ASP B 5 34.04 -55.99 34.14
C ASP B 5 35.48 -55.50 34.07
N GLY B 6 36.03 -55.52 32.86
CA GLY B 6 37.43 -55.23 32.66
C GLY B 6 37.67 -53.85 32.10
N PRO B 7 38.89 -53.59 31.63
CA PRO B 7 39.19 -52.27 31.06
C PRO B 7 38.58 -52.05 29.70
N SER B 8 38.17 -53.11 29.00
CA SER B 8 37.70 -52.98 27.63
C SER B 8 36.22 -52.63 27.54
N PHE B 9 35.44 -52.89 28.58
CA PHE B 9 34.00 -52.70 28.51
C PHE B 9 33.50 -52.27 29.88
N THR B 10 32.21 -51.96 29.94
CA THR B 10 31.58 -51.42 31.14
C THR B 10 30.13 -51.86 31.15
N THR B 11 29.67 -52.41 32.27
CA THR B 11 28.27 -52.72 32.46
C THR B 11 27.73 -51.81 33.56
N SER B 12 26.66 -51.08 33.24
CA SER B 12 26.07 -50.14 34.18
C SER B 12 24.55 -50.25 34.15
N LYS B 13 23.91 -49.42 34.96
CA LYS B 13 22.45 -49.30 34.96
C LYS B 13 22.12 -47.83 34.75
N THR B 14 21.49 -47.51 33.63
CA THR B 14 21.20 -46.14 33.29
C THR B 14 19.86 -45.72 33.90
N SER B 15 19.41 -44.52 33.56
CA SER B 15 18.23 -43.94 34.18
C SER B 15 16.96 -44.57 33.62
N GLN B 16 15.85 -44.29 34.30
CA GLN B 16 14.55 -44.74 33.84
C GLN B 16 13.97 -43.87 32.75
N ASN B 17 14.50 -42.67 32.57
CA ASN B 17 13.96 -41.69 31.64
C ASN B 17 14.98 -41.47 30.54
N THR B 18 14.61 -41.80 29.30
CA THR B 18 15.52 -41.74 28.16
C THR B 18 14.93 -40.84 27.10
N THR B 19 15.61 -39.73 26.80
CA THR B 19 15.16 -38.79 25.79
C THR B 19 16.19 -38.76 24.66
N SER B 20 15.72 -38.89 23.43
CA SER B 20 16.61 -38.73 22.28
C SER B 20 15.81 -38.20 21.09
N GLU B 21 15.75 -36.88 20.96
CA GLU B 21 15.30 -36.15 19.76
C GLU B 21 13.89 -36.56 19.35
N ASN B 22 12.94 -36.19 20.21
CA ASN B 22 11.45 -36.21 20.15
C ASN B 22 10.81 -37.53 20.58
N VAL B 23 11.57 -38.50 21.07
CA VAL B 23 11.02 -39.73 21.61
C VAL B 23 11.46 -39.87 23.05
N HIS B 24 10.50 -39.93 23.96
CA HIS B 24 10.75 -40.13 25.37
C HIS B 24 10.41 -41.57 25.75
N PHE B 25 11.22 -42.14 26.63
CA PHE B 25 10.99 -43.46 27.18
C PHE B 25 10.90 -43.31 28.69
N VAL B 26 9.74 -43.63 29.23
CA VAL B 26 9.53 -43.68 30.68
C VAL B 26 9.51 -45.15 31.05
N ASP B 27 10.64 -45.66 31.51
CA ASP B 27 10.81 -47.08 31.77
C ASP B 27 10.37 -47.43 33.18
N GLY B 28 9.87 -48.65 33.34
CA GLY B 28 9.43 -49.10 34.64
C GLY B 28 10.55 -49.42 35.60
N ASP B 29 11.75 -49.69 35.07
CA ASP B 29 12.91 -49.97 35.89
C ASP B 29 14.17 -49.63 35.12
N THR B 30 15.26 -49.46 35.85
CA THR B 30 16.54 -49.10 35.27
C THR B 30 17.10 -50.24 34.43
N PRO B 31 17.33 -50.04 33.14
CA PRO B 31 17.84 -51.12 32.30
C PRO B 31 19.35 -51.28 32.48
N TRP B 32 19.87 -52.36 31.90
CA TRP B 32 21.29 -52.62 31.89
C TRP B 32 21.92 -52.10 30.61
N THR B 33 23.20 -51.75 30.71
CA THR B 33 23.91 -51.11 29.61
C THR B 33 25.29 -51.73 29.47
N TYR B 34 25.65 -52.12 28.26
CA TYR B 34 26.94 -52.68 27.92
C TYR B 34 27.66 -51.70 26.99
N ASP B 35 28.65 -51.00 27.51
CA ASP B 35 29.45 -50.08 26.70
C ASP B 35 30.78 -50.74 26.36
N VAL B 36 31.21 -50.57 25.11
CA VAL B 36 32.37 -51.29 24.59
C VAL B 36 33.57 -50.35 24.70
N ALA B 37 33.33 -49.17 25.30
CA ALA B 37 34.38 -48.21 25.69
C ALA B 37 35.23 -47.77 24.50
N ALA B 38 34.55 -47.37 23.44
CA ALA B 38 35.20 -47.06 22.17
C ALA B 38 35.26 -45.55 22.01
N THR B 39 36.39 -44.97 22.39
CA THR B 39 36.68 -43.59 22.05
C THR B 39 37.65 -43.53 20.88
N PRO B 40 37.25 -43.00 19.74
CA PRO B 40 38.20 -42.81 18.65
C PRO B 40 39.09 -41.61 18.93
N ASP B 41 40.07 -41.38 18.07
CA ASP B 41 40.99 -40.26 18.25
C ASP B 41 40.69 -39.18 17.22
N GLU B 42 41.50 -38.13 17.26
CA GLU B 42 41.57 -37.20 16.15
C GLU B 42 42.26 -37.86 14.96
N THR B 43 42.27 -37.15 13.83
CA THR B 43 42.64 -37.69 12.51
C THR B 43 41.81 -38.93 12.19
N SER B 44 40.52 -38.87 12.52
CA SER B 44 39.55 -39.86 12.10
C SER B 44 38.26 -39.22 11.60
N LYS B 45 38.18 -37.89 11.62
CA LYS B 45 37.07 -37.17 11.00
C LYS B 45 37.63 -36.02 10.18
N LEU B 46 36.99 -35.76 9.05
CA LEU B 46 37.37 -34.64 8.20
C LEU B 46 36.99 -33.33 8.87
N SER B 47 37.96 -32.43 9.02
CA SER B 47 37.73 -31.15 9.64
C SER B 47 37.66 -30.06 8.58
N GLY B 48 36.78 -29.09 8.82
CA GLY B 48 36.60 -27.98 7.91
C GLY B 48 35.48 -28.14 6.91
N PHE B 49 34.60 -29.12 7.09
CA PHE B 49 33.50 -29.37 6.17
C PHE B 49 32.16 -29.18 6.85
N ASP B 50 32.09 -28.25 7.78
CA ASP B 50 30.87 -27.91 8.48
C ASP B 50 30.03 -26.88 7.75
N ASP B 51 30.44 -26.50 6.53
CA ASP B 51 29.74 -25.44 5.82
C ASP B 51 28.43 -25.95 5.19
N ALA B 52 28.47 -27.06 4.48
CA ALA B 52 27.27 -27.64 3.88
C ALA B 52 26.84 -28.80 4.77
N GLY B 53 25.99 -28.51 5.75
CA GLY B 53 25.44 -29.50 6.64
C GLY B 53 24.00 -29.82 6.32
N LEU B 54 23.42 -30.71 7.13
CA LEU B 54 22.04 -31.11 6.95
C LEU B 54 21.06 -30.12 7.57
N GLY B 55 21.42 -29.52 8.71
CA GLY B 55 20.51 -28.60 9.36
C GLY B 55 20.30 -27.33 8.58
N GLU B 56 21.37 -26.79 8.00
CA GLU B 56 21.27 -25.66 7.08
C GLU B 56 21.19 -26.10 5.62
N PHE B 57 20.24 -26.99 5.33
CA PHE B 57 20.06 -27.43 3.96
C PHE B 57 19.32 -26.41 3.14
N LEU B 58 18.36 -25.71 3.74
CA LEU B 58 17.53 -24.79 2.97
C LEU B 58 18.23 -23.47 2.67
N SER B 59 19.43 -23.26 3.18
CA SER B 59 20.26 -22.13 2.81
C SER B 59 21.15 -22.40 1.61
N ARG B 60 20.99 -23.55 0.98
CA ARG B 60 21.75 -23.88 -0.21
C ARG B 60 21.09 -23.25 -1.43
N PRO B 61 21.83 -22.51 -2.25
CA PRO B 61 21.21 -21.90 -3.43
C PRO B 61 20.89 -22.94 -4.49
N ILE B 62 19.75 -22.76 -5.14
CA ILE B 62 19.44 -23.49 -6.36
C ILE B 62 19.10 -22.46 -7.43
N LYS B 63 19.38 -22.80 -8.68
CA LYS B 63 19.09 -21.92 -9.80
C LYS B 63 17.64 -22.07 -10.16
N ILE B 64 16.80 -21.12 -9.74
CA ILE B 64 15.37 -21.29 -9.96
C ILE B 64 15.00 -20.91 -11.38
N GLN B 65 15.68 -19.93 -11.99
CA GLN B 65 15.29 -19.51 -13.33
C GLN B 65 16.52 -19.24 -14.17
N GLN B 66 16.36 -19.42 -15.48
CA GLN B 66 17.38 -19.01 -16.45
C GLN B 66 16.68 -18.55 -17.72
N TYR B 67 17.08 -17.39 -18.22
CA TYR B 67 16.48 -16.80 -19.39
C TYR B 67 17.58 -16.35 -20.32
N GLN B 68 17.23 -16.05 -21.56
CA GLN B 68 18.21 -15.45 -22.46
C GLN B 68 17.60 -14.31 -23.25
N TRP B 69 18.17 -13.13 -23.07
CA TRP B 69 17.98 -12.00 -23.94
C TRP B 69 18.64 -12.20 -25.30
N THR B 70 17.88 -11.98 -26.37
CA THR B 70 18.53 -11.86 -27.66
C THR B 70 18.39 -10.43 -28.16
N PRO B 71 19.35 -9.90 -28.91
CA PRO B 71 19.21 -8.54 -29.47
C PRO B 71 18.07 -8.45 -30.47
N GLY B 72 17.09 -7.62 -30.15
CA GLY B 72 15.89 -7.46 -30.95
C GLY B 72 14.63 -7.95 -30.27
N VAL B 73 14.75 -8.72 -29.19
CA VAL B 73 13.63 -9.36 -28.50
C VAL B 73 13.69 -8.95 -27.03
N GLN B 74 12.52 -8.76 -26.42
CA GLN B 74 12.44 -8.33 -25.04
C GLN B 74 12.35 -9.50 -24.07
N LEU B 75 12.65 -9.21 -22.79
CA LEU B 75 12.35 -10.10 -21.68
C LEU B 75 11.09 -9.61 -20.97
N PHE B 76 10.01 -10.35 -21.10
CA PHE B 76 8.88 -10.22 -20.20
C PHE B 76 8.63 -11.60 -19.61
N GLN B 77 9.04 -11.79 -18.36
CA GLN B 77 8.94 -13.10 -17.71
C GLN B 77 8.25 -12.95 -16.37
N THR B 78 7.65 -14.04 -15.90
CA THR B 78 6.92 -14.04 -14.65
C THR B 78 7.21 -15.34 -13.91
N PHE B 79 7.68 -15.25 -12.68
CA PHE B 79 7.94 -16.47 -11.92
C PHE B 79 7.59 -16.24 -10.46
N ASN B 80 7.48 -17.34 -9.74
CA ASN B 80 7.17 -17.34 -8.32
C ASN B 80 8.37 -17.95 -7.60
N PRO B 81 9.16 -17.16 -6.88
CA PRO B 81 10.39 -17.72 -6.28
C PRO B 81 10.11 -18.69 -5.16
N TRP B 82 9.02 -18.46 -4.42
CA TRP B 82 8.64 -19.36 -3.34
C TRP B 82 8.14 -20.68 -3.89
N SER B 83 7.48 -20.66 -5.04
CA SER B 83 7.00 -21.88 -5.67
C SER B 83 8.07 -22.55 -6.53
N ASP B 84 9.19 -21.87 -6.77
CA ASP B 84 10.31 -22.46 -7.49
C ASP B 84 11.35 -23.04 -6.55
N TYR B 85 11.55 -22.42 -5.39
CA TYR B 85 12.51 -22.96 -4.44
C TYR B 85 11.94 -24.19 -3.75
N PHE B 86 10.73 -24.07 -3.20
CA PHE B 86 10.13 -25.12 -2.41
C PHE B 86 9.33 -26.10 -3.25
N GLY B 87 9.35 -25.95 -4.57
CA GLY B 87 8.88 -26.97 -5.47
C GLY B 87 9.99 -27.83 -6.02
N ASN B 88 11.21 -27.67 -5.51
CA ASN B 88 12.33 -28.50 -5.94
C ASN B 88 12.15 -29.92 -5.41
N ALA B 89 12.77 -30.87 -6.11
CA ALA B 89 12.65 -32.26 -5.67
C ALA B 89 13.53 -32.55 -4.46
N ASP B 90 14.69 -31.92 -4.36
CA ASP B 90 15.63 -32.24 -3.30
C ASP B 90 15.35 -31.52 -2.01
N VAL B 91 14.77 -30.32 -2.04
CA VAL B 91 14.40 -29.69 -0.78
C VAL B 91 13.10 -30.27 -0.23
N LEU B 92 12.29 -30.89 -1.09
CA LEU B 92 11.02 -31.43 -0.67
C LEU B 92 11.17 -32.77 0.05
N GLU B 93 12.35 -33.38 -0.05
CA GLU B 93 12.71 -34.52 0.79
C GLU B 93 13.19 -34.09 2.16
N LYS B 94 13.61 -32.83 2.32
CA LYS B 94 14.10 -32.36 3.60
C LYS B 94 12.99 -31.67 4.38
N ILE B 95 12.14 -30.90 3.72
CA ILE B 95 10.87 -30.48 4.33
C ILE B 95 9.86 -31.54 3.95
N ASN B 96 9.87 -32.64 4.70
CA ASN B 96 9.00 -33.77 4.36
C ASN B 96 8.12 -34.19 5.53
N ARG B 97 8.70 -34.39 6.70
CA ARG B 97 7.93 -34.79 7.87
C ARG B 97 7.93 -33.67 8.89
N PHE B 98 7.77 -32.44 8.40
CA PHE B 98 7.62 -31.25 9.22
C PHE B 98 6.33 -30.55 8.83
N ARG B 99 5.95 -29.57 9.62
CA ARG B 99 4.70 -28.87 9.31
C ARG B 99 4.86 -27.36 9.19
N ASN B 100 5.65 -26.73 10.04
CA ASN B 100 5.80 -25.29 10.08
C ASN B 100 7.10 -24.87 9.42
N LEU B 101 7.07 -23.78 8.64
CA LEU B 101 8.26 -23.41 7.88
C LEU B 101 8.88 -22.07 8.25
N ARG B 102 8.16 -20.95 8.07
CA ARG B 102 8.61 -19.57 8.33
C ARG B 102 10.04 -19.22 7.84
N CYS B 103 10.25 -19.08 6.54
CA CYS B 103 11.55 -18.72 6.00
C CYS B 103 11.63 -17.25 5.64
N LYS B 104 12.72 -16.89 4.96
CA LYS B 104 12.91 -15.60 4.31
C LYS B 104 13.75 -15.87 3.08
N LEU B 105 13.21 -15.66 1.90
CA LEU B 105 13.77 -16.25 0.68
C LEU B 105 14.56 -15.20 -0.10
N CYS B 106 15.86 -15.11 0.17
CA CYS B 106 16.67 -14.14 -0.55
C CYS B 106 17.10 -14.68 -1.91
N LEU B 107 16.95 -13.87 -2.95
CA LEU B 107 17.28 -14.27 -4.32
C LEU B 107 18.39 -13.37 -4.88
N LYS B 108 18.93 -13.80 -6.02
CA LYS B 108 20.06 -13.14 -6.64
C LYS B 108 19.99 -13.29 -8.14
N VAL B 109 20.28 -12.21 -8.87
CA VAL B 109 20.20 -12.18 -10.32
C VAL B 109 21.58 -11.91 -10.88
N LEU B 110 22.01 -12.76 -11.80
CA LEU B 110 23.32 -12.65 -12.43
C LEU B 110 23.12 -12.45 -13.93
N ILE B 111 23.76 -11.42 -14.48
CA ILE B 111 23.71 -11.14 -15.91
C ILE B 111 25.14 -10.88 -16.38
N ASN B 112 25.52 -11.47 -17.52
CA ASN B 112 26.91 -11.50 -17.94
C ASN B 112 27.32 -10.30 -18.76
N GLY B 113 26.48 -9.89 -19.72
CA GLY B 113 26.61 -8.72 -20.56
C GLY B 113 27.92 -8.55 -21.33
N ASN B 114 28.11 -7.32 -21.79
CA ASN B 114 29.24 -6.88 -22.61
C ASN B 114 29.11 -5.37 -22.72
N SER B 115 30.21 -4.72 -23.12
CA SER B 115 30.21 -3.26 -23.25
C SER B 115 29.44 -2.76 -24.45
N PHE B 116 29.11 -3.62 -25.42
CA PHE B 116 28.38 -3.22 -26.61
C PHE B 116 26.88 -3.43 -26.51
N TYR B 117 26.43 -4.34 -25.66
CA TYR B 117 25.00 -4.49 -25.43
C TYR B 117 24.47 -3.34 -24.59
N TYR B 118 23.21 -2.99 -24.82
CA TYR B 118 22.55 -1.99 -23.98
C TYR B 118 21.05 -2.28 -23.94
N GLY B 119 20.34 -1.45 -23.20
CA GLY B 119 18.98 -1.72 -22.80
C GLY B 119 18.90 -2.01 -21.32
N ARG B 120 17.67 -2.03 -20.81
CA ARG B 120 17.52 -2.23 -19.38
C ARG B 120 16.18 -2.89 -19.05
N ALA B 121 16.20 -3.75 -18.04
CA ALA B 121 15.01 -4.45 -17.60
C ALA B 121 14.82 -4.23 -16.11
N LEU B 122 13.57 -4.31 -15.68
CA LEU B 122 13.18 -4.10 -14.29
C LEU B 122 12.62 -5.39 -13.73
N LEU B 123 13.20 -5.87 -12.62
CA LEU B 123 12.66 -7.03 -11.93
C LEU B 123 11.99 -6.54 -10.66
N SER B 124 10.69 -6.80 -10.54
CA SER B 124 9.93 -6.33 -9.40
C SER B 124 9.28 -7.49 -8.67
N TYR B 125 9.00 -7.28 -7.38
CA TYR B 125 8.48 -8.31 -6.50
C TYR B 125 7.17 -7.86 -5.85
N ASN B 126 6.12 -8.66 -6.00
CA ASN B 126 4.82 -8.42 -5.40
C ASN B 126 4.72 -9.24 -4.12
N PRO B 127 4.62 -8.60 -2.94
CA PRO B 127 4.82 -9.32 -1.67
C PRO B 127 3.80 -10.36 -1.23
N TYR B 128 2.50 -10.10 -1.23
CA TYR B 128 1.61 -11.01 -0.52
C TYR B 128 0.64 -11.76 -1.43
N LEU B 129 -0.21 -11.07 -2.17
CA LEU B 129 -1.08 -11.60 -3.24
C LEU B 129 -1.91 -12.81 -2.83
N ARG B 130 -2.82 -12.61 -1.87
CA ARG B 130 -3.76 -13.65 -1.51
C ARG B 130 -5.19 -13.28 -1.90
N ASN B 131 -5.69 -12.14 -1.45
CA ASN B 131 -6.99 -11.64 -1.85
C ASN B 131 -6.78 -10.35 -2.64
N ASP B 132 -5.85 -10.40 -3.58
CA ASP B 132 -5.34 -9.24 -4.29
C ASP B 132 -6.01 -9.15 -5.65
N GLN B 133 -7.09 -8.36 -5.73
CA GLN B 133 -7.81 -8.12 -6.98
C GLN B 133 -7.26 -6.95 -7.76
N VAL B 134 -6.02 -6.56 -7.50
CA VAL B 134 -5.37 -5.47 -8.24
C VAL B 134 -3.96 -5.97 -8.53
N THR B 135 -3.07 -5.11 -9.05
CA THR B 135 -1.70 -5.45 -9.45
C THR B 135 -1.72 -6.54 -10.52
N VAL B 136 -2.19 -6.11 -11.70
CA VAL B 136 -2.45 -7.01 -12.82
C VAL B 136 -1.18 -7.75 -13.28
N ASN B 137 -1.39 -8.98 -13.74
CA ASN B 137 -0.35 -9.83 -14.31
C ASN B 137 -0.87 -10.22 -15.69
N ARG B 138 -0.45 -9.48 -16.70
CA ARG B 138 -1.04 -9.54 -18.03
C ARG B 138 0.08 -9.44 -19.05
N SER B 139 -0.26 -9.15 -20.30
CA SER B 139 0.73 -8.93 -21.35
C SER B 139 1.48 -7.62 -21.12
N PHE B 140 2.45 -7.34 -21.98
CA PHE B 140 3.33 -6.21 -21.78
C PHE B 140 2.66 -4.89 -22.14
N PHE B 141 2.61 -3.98 -21.17
CA PHE B 141 2.36 -2.56 -21.40
C PHE B 141 3.51 -1.78 -20.78
N ILE B 142 3.91 -0.70 -21.45
CA ILE B 142 4.94 0.18 -20.92
C ILE B 142 4.45 0.92 -19.68
N GLN B 143 3.14 1.07 -19.53
CA GLN B 143 2.53 1.66 -18.35
C GLN B 143 2.34 0.68 -17.21
N ASP B 144 2.89 -0.52 -17.29
CA ASP B 144 2.93 -1.38 -16.12
C ASP B 144 4.24 -1.26 -15.37
N LEU B 145 5.16 -0.47 -15.90
CA LEU B 145 6.45 -0.19 -15.28
C LEU B 145 6.41 0.95 -14.29
N ILE B 146 5.34 1.74 -14.30
CA ILE B 146 5.18 2.79 -13.31
C ILE B 146 4.67 2.23 -11.99
N ALA B 147 3.72 1.29 -12.04
CA ALA B 147 3.26 0.68 -10.80
C ALA B 147 4.28 -0.30 -10.24
N ALA B 148 5.05 -0.95 -11.11
CA ALA B 148 6.03 -1.94 -10.69
C ALA B 148 7.33 -1.33 -10.19
N SER B 149 7.51 -0.03 -10.34
CA SER B 149 8.72 0.63 -9.85
C SER B 149 8.58 1.14 -8.43
N ASN B 150 7.44 0.91 -7.78
CA ASN B 150 7.29 1.18 -6.36
C ASN B 150 7.38 -0.07 -5.51
N LYS B 151 7.24 -1.24 -6.13
CA LYS B 151 7.47 -2.51 -5.47
C LYS B 151 8.98 -2.72 -5.30
N PRO B 152 9.42 -3.68 -4.46
CA PRO B 152 10.84 -4.01 -4.40
C PRO B 152 11.41 -4.46 -5.73
N HIS B 153 12.33 -3.69 -6.29
CA HIS B 153 12.78 -3.87 -7.65
C HIS B 153 14.28 -3.74 -7.75
N ILE B 154 14.81 -4.26 -8.85
CA ILE B 154 16.21 -4.13 -9.23
C ILE B 154 16.28 -3.86 -10.73
N LEU B 155 17.28 -3.10 -11.13
CA LEU B 155 17.49 -2.74 -12.53
C LEU B 155 18.66 -3.53 -13.08
N LEU B 156 18.41 -4.27 -14.16
CA LEU B 156 19.44 -5.14 -14.72
C LEU B 156 19.73 -4.71 -16.15
N ASP B 157 21.00 -4.44 -16.43
CA ASP B 157 21.48 -4.00 -17.73
C ASP B 157 22.62 -4.89 -18.17
N PRO B 158 22.89 -4.94 -19.47
CA PRO B 158 24.04 -5.73 -19.92
C PRO B 158 25.33 -4.94 -20.04
N CYS B 159 25.24 -3.61 -20.10
CA CYS B 159 26.43 -2.80 -20.36
C CYS B 159 27.39 -2.84 -19.19
N SER B 160 26.96 -2.38 -18.02
CA SER B 160 27.77 -2.58 -16.82
C SER B 160 27.71 -4.02 -16.35
N SER B 161 26.61 -4.71 -16.66
CA SER B 161 26.37 -6.13 -16.38
C SER B 161 26.53 -6.45 -14.90
N GLU B 162 25.71 -5.79 -14.09
CA GLU B 162 25.91 -5.81 -12.65
C GLU B 162 24.58 -5.96 -11.94
N GLY B 163 24.69 -6.15 -10.63
CA GLY B 163 23.59 -5.91 -9.72
C GLY B 163 22.60 -7.06 -9.65
N GLY B 164 21.76 -6.96 -8.62
CA GLY B 164 20.65 -7.85 -8.43
C GLY B 164 20.77 -8.75 -7.23
N GLN B 165 20.13 -8.33 -6.12
CA GLN B 165 19.95 -9.16 -4.94
C GLN B 165 18.89 -8.52 -4.07
N MET B 166 17.77 -9.21 -3.86
CA MET B 166 16.75 -8.76 -2.94
C MET B 166 16.59 -9.77 -1.81
N CYS B 167 15.92 -9.35 -0.74
CA CYS B 167 15.82 -10.16 0.47
C CYS B 167 14.48 -10.88 0.62
N LEU B 168 13.38 -10.30 0.11
CA LEU B 168 12.04 -10.90 0.06
C LEU B 168 11.53 -11.34 1.42
N PRO B 169 11.05 -10.42 2.27
CA PRO B 169 10.64 -10.79 3.63
C PRO B 169 9.43 -11.74 3.69
N PHE B 170 9.10 -12.20 4.89
CA PHE B 170 8.20 -13.33 5.07
C PHE B 170 6.74 -13.05 4.75
N ILE B 171 6.37 -11.76 4.64
CA ILE B 171 5.07 -11.17 5.02
C ILE B 171 3.86 -12.05 4.79
N TRP B 172 3.09 -12.31 5.86
CA TRP B 172 2.05 -13.33 5.91
C TRP B 172 1.29 -13.10 7.20
N PRO B 173 -0.04 -13.21 7.21
CA PRO B 173 -0.80 -12.81 8.40
C PRO B 173 -0.69 -13.77 9.56
N GLU B 174 -0.45 -15.04 9.28
CA GLU B 174 -0.13 -16.03 10.29
C GLU B 174 1.37 -16.13 10.40
N ASN B 175 1.83 -16.62 11.55
CA ASN B 175 3.19 -17.11 11.63
C ASN B 175 3.20 -18.60 11.38
N TYR B 176 4.31 -19.09 10.81
CA TYR B 176 4.55 -20.52 10.55
C TYR B 176 3.48 -21.12 9.63
N LEU B 177 3.52 -20.73 8.37
CA LEU B 177 2.62 -21.30 7.38
C LEU B 177 2.86 -22.79 7.17
N ASP B 178 1.78 -23.52 6.91
CA ASP B 178 1.75 -24.97 6.82
C ASP B 178 2.47 -25.44 5.57
N ILE B 179 3.05 -26.64 5.64
CA ILE B 179 3.71 -27.25 4.48
C ILE B 179 2.85 -28.38 3.93
N THR B 180 1.95 -28.94 4.74
CA THR B 180 1.09 -30.03 4.30
C THR B 180 0.05 -29.57 3.29
N SER B 181 -0.53 -28.39 3.48
CA SER B 181 -1.69 -27.94 2.72
C SER B 181 -1.34 -27.65 1.26
N THR B 182 -2.37 -27.64 0.42
CA THR B 182 -2.19 -27.58 -1.02
C THR B 182 -1.98 -26.15 -1.50
N GLY B 183 -0.92 -25.95 -2.28
CA GLY B 183 -0.59 -24.61 -2.74
C GLY B 183 -0.11 -23.72 -1.62
N TRP B 184 0.70 -24.27 -0.71
CA TRP B 184 1.06 -23.59 0.51
C TRP B 184 2.10 -22.50 0.31
N GLU B 185 2.74 -22.44 -0.86
CA GLU B 185 3.77 -21.47 -1.12
C GLU B 185 3.46 -20.62 -2.34
N ASP B 186 2.31 -20.84 -2.99
CA ASP B 186 2.05 -20.20 -4.27
C ASP B 186 1.68 -18.74 -4.11
N GLN B 187 0.86 -18.42 -3.12
CA GLN B 187 0.37 -17.06 -2.93
C GLN B 187 1.15 -16.33 -1.83
N MET B 188 2.45 -16.14 -2.08
CA MET B 188 3.29 -15.48 -1.09
C MET B 188 4.20 -14.44 -1.74
N GLY B 189 3.88 -14.01 -2.95
CA GLY B 189 4.68 -13.01 -3.62
C GLY B 189 5.35 -13.58 -4.84
N GLU B 190 5.36 -12.82 -5.93
CA GLU B 190 5.94 -13.30 -7.18
C GLU B 190 6.72 -12.18 -7.85
N CYS B 191 7.68 -12.57 -8.68
CA CYS B 191 8.53 -11.62 -9.39
C CYS B 191 8.15 -11.56 -10.87
N ILE B 192 8.27 -10.37 -11.45
CA ILE B 192 8.05 -10.16 -12.88
C ILE B 192 9.24 -9.37 -13.42
N ILE B 193 9.81 -9.84 -14.53
CA ILE B 193 10.80 -9.10 -15.28
C ILE B 193 10.12 -8.41 -16.45
N HIS B 194 9.97 -7.09 -16.35
CA HIS B 194 9.60 -6.29 -17.52
C HIS B 194 10.86 -5.80 -18.21
N ASP B 195 10.76 -5.56 -19.51
CA ASP B 195 11.85 -4.95 -20.26
C ASP B 195 11.41 -3.56 -20.68
N PHE B 196 12.32 -2.59 -20.62
CA PHE B 196 11.91 -1.25 -21.01
C PHE B 196 11.72 -1.06 -22.51
N ASP B 197 12.70 -1.42 -23.35
CA ASP B 197 12.31 -1.66 -24.73
C ASP B 197 12.64 -3.06 -25.22
N VAL B 198 13.94 -3.32 -25.42
CA VAL B 198 14.46 -4.38 -26.29
C VAL B 198 15.97 -4.43 -26.07
N LEU B 199 16.55 -5.63 -26.08
CA LEU B 199 18.01 -5.74 -26.05
C LEU B 199 18.59 -5.28 -27.38
N ARG B 200 19.64 -4.45 -27.32
CA ARG B 200 20.30 -3.96 -28.51
C ARG B 200 21.78 -4.30 -28.46
N HIS B 201 22.47 -4.12 -29.58
CA HIS B 201 23.91 -4.32 -29.67
C HIS B 201 24.46 -3.28 -30.64
N ALA B 202 25.69 -2.82 -30.38
CA ALA B 202 26.24 -1.69 -31.11
C ALA B 202 27.05 -2.07 -32.33
N ASN B 203 27.65 -3.26 -32.38
CA ASN B 203 28.30 -3.75 -33.58
C ASN B 203 27.43 -4.69 -34.40
N GLY B 204 26.13 -4.76 -34.12
CA GLY B 204 25.29 -5.67 -34.86
C GLY B 204 25.50 -7.12 -34.50
N GLY B 205 26.01 -7.41 -33.31
CA GLY B 205 26.08 -8.78 -32.85
C GLY B 205 24.71 -9.29 -32.42
N THR B 206 24.47 -10.56 -32.69
CA THR B 206 23.16 -11.16 -32.45
C THR B 206 23.21 -12.31 -31.44
N ASP B 207 24.25 -12.38 -30.65
CA ASP B 207 24.36 -13.46 -29.68
C ASP B 207 23.46 -13.20 -28.49
N PRO B 208 22.78 -14.23 -27.98
CA PRO B 208 22.00 -14.07 -26.76
C PRO B 208 22.90 -14.01 -25.54
N ILE B 209 22.39 -13.36 -24.49
CA ILE B 209 23.03 -13.34 -23.19
C ILE B 209 22.06 -13.93 -22.17
N THR B 210 22.60 -14.36 -21.05
CA THR B 210 21.86 -15.17 -20.08
C THR B 210 21.59 -14.37 -18.81
N VAL B 211 20.37 -14.46 -18.30
CA VAL B 211 19.97 -13.89 -17.03
C VAL B 211 19.62 -15.06 -16.12
N SER B 212 20.38 -15.26 -15.04
CA SER B 212 20.19 -16.37 -14.13
C SER B 212 19.65 -15.87 -12.81
N ILE B 213 18.66 -16.58 -12.26
CA ILE B 213 18.07 -16.22 -10.99
C ILE B 213 18.26 -17.40 -10.04
N PHE B 214 18.98 -17.15 -8.94
CA PHE B 214 19.22 -18.09 -7.84
C PHE B 214 18.35 -17.66 -6.67
N ALA B 215 18.08 -18.61 -5.77
CA ALA B 215 17.31 -18.28 -4.58
C ALA B 215 17.66 -19.25 -3.46
N TRP B 216 17.60 -18.77 -2.22
CA TRP B 216 17.79 -19.63 -1.05
C TRP B 216 17.12 -19.00 0.15
N ALA B 217 16.71 -19.85 1.08
CA ALA B 217 16.03 -19.42 2.30
C ALA B 217 17.04 -19.08 3.38
N GLU B 218 16.78 -17.99 4.11
CA GLU B 218 17.83 -17.43 4.97
C GLU B 218 17.74 -17.85 6.43
N ASP B 219 16.66 -17.51 7.13
CA ASP B 219 16.55 -17.88 8.54
C ASP B 219 15.34 -18.79 8.74
N VAL B 220 15.60 -20.08 8.58
CA VAL B 220 14.58 -21.11 8.56
C VAL B 220 14.19 -21.46 9.99
N SER B 221 12.89 -21.65 10.24
CA SER B 221 12.40 -22.11 11.54
C SER B 221 11.45 -23.28 11.29
N LEU B 222 12.02 -24.47 11.14
CA LEU B 222 11.33 -25.67 10.69
C LEU B 222 11.21 -26.64 11.86
N LEU B 223 10.03 -26.74 12.48
CA LEU B 223 10.06 -27.26 13.84
C LEU B 223 9.02 -28.25 14.35
N ILE B 224 7.90 -28.54 13.67
CA ILE B 224 6.93 -29.46 14.23
C ILE B 224 6.83 -30.72 13.38
N PRO B 225 7.22 -31.88 13.88
CA PRO B 225 7.18 -33.09 13.05
C PRO B 225 5.80 -33.71 12.95
N THR B 226 5.53 -34.31 11.78
CA THR B 226 4.26 -34.96 11.51
C THR B 226 4.50 -36.12 10.55
N THR B 227 3.47 -36.95 10.40
CA THR B 227 3.54 -38.13 9.55
C THR B 227 3.03 -37.89 8.14
N VAL B 228 2.55 -36.68 7.85
CA VAL B 228 1.90 -36.41 6.57
C VAL B 228 2.96 -35.96 5.56
N ALA B 229 2.85 -36.46 4.33
CA ALA B 229 3.78 -36.10 3.27
C ALA B 229 3.63 -34.62 2.90
N ALA B 230 4.71 -33.88 2.99
CA ALA B 230 4.69 -32.44 2.79
C ALA B 230 4.75 -32.12 1.31
N GLN B 231 3.75 -31.40 0.82
CA GLN B 231 3.63 -31.10 -0.59
C GLN B 231 4.58 -30.01 -1.03
N SER C 1 -30.98 12.26 48.60
CA SER C 1 -32.21 13.01 48.83
C SER C 1 -32.20 13.85 50.11
N ARG C 2 -31.08 13.90 50.82
CA ARG C 2 -31.09 14.78 51.99
C ARG C 2 -30.94 16.25 51.57
N PRO C 3 -29.82 16.74 50.95
CA PRO C 3 -29.73 18.20 50.77
C PRO C 3 -30.32 18.65 49.45
N ALA C 4 -30.19 19.94 49.14
CA ALA C 4 -30.60 20.49 47.86
C ALA C 4 -29.38 20.96 47.09
N VAL C 5 -29.33 20.63 45.80
CA VAL C 5 -28.18 20.96 44.97
C VAL C 5 -28.23 22.43 44.60
N LEU C 6 -27.26 23.20 45.11
CA LEU C 6 -27.21 24.64 44.90
C LEU C 6 -26.11 25.05 43.93
N SER C 7 -25.73 24.15 43.02
CA SER C 7 -24.81 24.53 41.97
C SER C 7 -25.54 25.39 40.93
N ASP C 8 -24.75 26.11 40.12
CA ASP C 8 -25.33 27.03 39.15
C ASP C 8 -25.95 26.27 37.98
N ILE C 9 -26.98 26.88 37.39
CA ILE C 9 -27.47 26.39 36.11
C ILE C 9 -26.39 26.63 35.07
N GLN C 10 -25.97 25.55 34.40
CA GLN C 10 -24.84 25.62 33.49
C GLN C 10 -25.38 25.44 32.08
N PRO C 11 -25.16 26.37 31.15
CA PRO C 11 -25.71 26.24 29.81
C PRO C 11 -24.97 25.21 28.98
N TYR C 12 -25.70 24.57 28.07
CA TYR C 12 -25.13 23.54 27.21
C TYR C 12 -25.79 23.59 25.84
N VAL C 13 -25.08 23.03 24.86
CA VAL C 13 -25.57 22.86 23.50
C VAL C 13 -25.43 21.39 23.14
N PRO C 14 -26.49 20.72 22.70
CA PRO C 14 -26.35 19.30 22.35
C PRO C 14 -25.71 19.10 20.99
N ARG C 15 -24.85 18.09 20.90
CA ARG C 15 -24.14 17.73 19.68
C ARG C 15 -24.44 16.27 19.37
N TYR C 16 -25.54 16.03 18.66
CA TYR C 16 -25.98 14.66 18.43
C TYR C 16 -25.12 13.96 17.40
N CYS C 17 -24.81 14.64 16.30
CA CYS C 17 -24.02 14.02 15.23
C CYS C 17 -22.53 14.09 15.50
N GLY C 18 -22.09 14.98 16.38
CA GLY C 18 -20.71 15.00 16.81
C GLY C 18 -19.88 16.09 16.15
N ASN C 19 -18.62 15.76 15.84
CA ASN C 19 -17.71 16.67 15.14
C ASN C 19 -17.04 15.83 14.07
N LEU C 20 -17.47 15.99 12.83
CA LEU C 20 -17.03 15.12 11.76
C LEU C 20 -16.21 15.85 10.70
N ALA C 21 -15.74 17.05 11.02
CA ALA C 21 -14.85 17.78 10.14
C ALA C 21 -13.44 17.89 10.68
N ASN C 22 -13.27 18.14 11.97
CA ASN C 22 -11.97 18.30 12.54
C ASN C 22 -11.32 16.94 12.79
N SER C 23 -10.00 16.93 12.87
CA SER C 23 -9.23 15.70 12.93
C SER C 23 -8.58 15.47 14.27
N ASP C 24 -8.87 16.30 15.27
CA ASP C 24 -8.17 16.22 16.54
C ASP C 24 -9.07 16.24 17.76
N ALA C 25 -10.37 16.45 17.61
CA ALA C 25 -11.25 16.50 18.76
C ALA C 25 -11.57 15.09 19.25
N PRO C 26 -11.59 14.86 20.56
CA PRO C 26 -12.01 13.55 21.08
C PRO C 26 -13.48 13.28 20.82
N GLU C 27 -13.82 12.00 20.82
CA GLU C 27 -15.14 11.54 20.40
C GLU C 27 -15.81 10.73 21.49
N THR C 28 -17.13 10.83 21.55
CA THR C 28 -17.93 10.01 22.45
C THR C 28 -18.49 8.82 21.68
N VAL C 29 -17.64 7.82 21.54
CA VAL C 29 -17.88 6.67 20.67
C VAL C 29 -18.03 5.41 21.51
N ASN C 30 -19.13 4.70 21.31
CA ASN C 30 -19.38 3.43 22.00
C ASN C 30 -18.64 2.35 21.25
N LYS C 31 -17.45 1.99 21.73
CA LYS C 31 -16.68 0.93 21.11
C LYS C 31 -17.26 -0.43 21.51
N LEU C 32 -17.43 -1.31 20.53
CA LEU C 32 -18.17 -2.55 20.74
C LEU C 32 -17.27 -3.68 21.23
N SER C 33 -16.56 -3.44 22.32
CA SER C 33 -15.64 -4.41 22.89
C SER C 33 -15.91 -4.53 24.37
N VAL C 34 -15.15 -5.40 25.04
CA VAL C 34 -15.32 -5.59 26.48
C VAL C 34 -14.54 -4.52 27.24
N ASP C 35 -13.30 -4.27 26.83
CA ASP C 35 -12.47 -3.26 27.45
C ASP C 35 -12.69 -1.93 26.74
N SER C 36 -12.89 -0.87 27.52
CA SER C 36 -13.06 0.45 26.93
C SER C 36 -11.77 0.94 26.29
N LYS C 37 -10.64 0.60 26.90
CA LYS C 37 -9.33 0.92 26.34
C LYS C 37 -8.81 -0.25 25.51
N ASN C 38 -9.62 -0.76 24.61
CA ASN C 38 -9.20 -1.81 23.70
C ASN C 38 -8.44 -1.15 22.56
N GLU C 39 -7.17 -1.55 22.40
CA GLU C 39 -6.33 -0.91 21.41
C GLU C 39 -5.17 -1.84 21.07
N LEU C 40 -4.90 -1.99 19.79
CA LEU C 40 -3.72 -2.71 19.33
C LEU C 40 -2.58 -1.73 19.17
N ILE C 42 -1.48 -2.20 18.60
CA ILE C 42 -0.33 -1.34 18.33
C ILE C 42 -0.19 -1.18 16.82
N ASP C 43 0.72 -0.30 16.43
CA ASP C 43 1.01 -0.04 15.01
C ASP C 43 2.53 -0.08 14.79
N THR C 44 3.07 -1.28 14.61
CA THR C 44 4.52 -1.47 14.68
C THR C 44 4.89 -2.58 13.68
N ARG C 45 6.05 -3.21 13.91
CA ARG C 45 6.66 -4.27 13.12
C ARG C 45 6.14 -5.65 13.47
N THR C 46 4.95 -5.74 14.07
CA THR C 46 4.29 -7.01 14.32
C THR C 46 3.47 -7.48 13.15
N MET C 47 3.65 -6.85 11.99
CA MET C 47 3.06 -7.30 10.73
C MET C 47 4.11 -7.96 9.86
N GLY C 48 5.35 -8.03 10.33
CA GLY C 48 6.47 -8.56 9.58
C GLY C 48 7.40 -7.52 9.00
N LEU C 49 7.14 -6.24 9.25
CA LEU C 49 7.79 -5.13 8.58
C LEU C 49 8.86 -4.50 9.48
N GLY C 50 9.32 -3.32 9.11
CA GLY C 50 10.40 -2.68 9.83
C GLY C 50 9.99 -1.76 10.95
N GLY C 51 8.80 -1.18 10.88
CA GLY C 51 8.31 -0.30 11.92
C GLY C 51 8.25 1.17 11.58
N ALA C 52 8.33 1.52 10.30
CA ALA C 52 8.31 2.91 9.88
C ALA C 52 6.89 3.36 9.60
N ASP C 53 6.58 4.59 10.00
CA ASP C 53 5.28 5.18 9.71
C ASP C 53 5.25 5.59 8.25
N GLU C 54 4.35 4.97 7.48
CA GLU C 54 4.32 5.17 6.04
C GLU C 54 3.04 5.85 5.56
N LEU C 55 2.20 6.34 6.47
CA LEU C 55 1.09 7.18 6.09
C LEU C 55 1.42 8.67 6.14
N THR C 56 2.70 9.00 6.28
CA THR C 56 3.14 10.37 6.06
C THR C 56 3.00 10.69 4.58
N ILE C 57 2.58 11.91 4.26
CA ILE C 57 2.47 12.33 2.87
C ILE C 57 3.86 12.38 2.22
N HIS C 58 4.85 12.86 2.97
CA HIS C 58 6.19 12.97 2.41
C HIS C 58 6.88 11.61 2.31
N SER C 59 6.42 10.60 3.04
CA SER C 59 6.99 9.28 2.89
C SER C 59 6.46 8.57 1.66
N ILE C 60 5.21 8.84 1.28
CA ILE C 60 4.64 8.25 0.07
C ILE C 60 5.13 9.01 -1.15
N ALA C 61 5.15 10.33 -1.10
CA ALA C 61 5.42 11.13 -2.28
C ALA C 61 6.89 11.18 -2.66
N SER C 62 7.80 10.89 -1.73
CA SER C 62 9.23 10.98 -2.04
C SER C 62 9.78 9.75 -2.72
N ARG C 63 8.94 8.77 -3.03
CA ARG C 63 9.42 7.55 -3.67
C ARG C 63 9.67 7.82 -5.14
N MET C 64 10.88 7.50 -5.59
CA MET C 64 11.22 7.66 -6.99
C MET C 64 10.52 6.57 -7.80
N THR C 65 9.63 7.00 -8.69
CA THR C 65 8.78 6.11 -9.47
C THR C 65 9.00 6.43 -10.94
N PHE C 66 9.13 5.38 -11.77
CA PHE C 66 9.24 5.54 -13.20
C PHE C 66 8.00 6.22 -13.75
N TRP C 67 8.17 7.22 -14.59
CA TRP C 67 7.02 7.89 -15.16
C TRP C 67 6.89 7.66 -16.66
N ARG C 68 7.88 8.08 -17.46
CA ARG C 68 7.76 7.91 -18.91
C ARG C 68 9.14 7.66 -19.51
N GLN C 69 9.16 7.56 -20.83
CA GLN C 69 10.37 7.19 -21.54
C GLN C 69 10.32 7.80 -22.92
N PHE C 70 11.44 8.34 -23.38
CA PHE C 70 11.53 8.89 -24.72
C PHE C 70 12.82 8.41 -25.33
N ASP C 71 13.08 8.81 -26.57
CA ASP C 71 14.25 8.33 -27.30
C ASP C 71 15.08 9.49 -27.82
N TRP C 72 16.33 9.19 -28.15
CA TRP C 72 17.28 10.17 -28.66
C TRP C 72 17.85 9.63 -29.96
N PRO C 73 17.35 10.10 -31.10
CA PRO C 73 17.61 9.43 -32.37
C PRO C 73 19.01 9.73 -32.92
N GLU C 74 19.33 9.04 -34.01
CA GLU C 74 20.55 9.33 -34.75
C GLU C 74 20.44 10.66 -35.48
N SER C 75 19.24 10.99 -35.97
CA SER C 75 19.00 12.21 -36.73
C SER C 75 18.91 13.45 -35.86
N ALA C 76 19.02 13.32 -34.55
CA ALA C 76 19.01 14.48 -33.68
C ALA C 76 20.31 15.26 -33.82
N VAL C 77 20.19 16.58 -33.84
CA VAL C 77 21.31 17.47 -34.08
C VAL C 77 21.30 18.46 -32.92
N THR C 78 22.23 19.42 -32.90
CA THR C 78 22.26 20.45 -31.86
C THR C 78 20.98 21.28 -31.88
N ASP C 79 20.43 21.54 -30.68
CA ASP C 79 19.18 22.27 -30.45
C ASP C 79 17.99 21.54 -31.06
N THR C 80 17.90 20.24 -30.74
CA THR C 80 16.75 19.43 -31.07
C THR C 80 16.07 19.00 -29.78
N LEU C 81 14.79 19.28 -29.66
CA LEU C 81 14.03 18.91 -28.47
C LEU C 81 13.76 17.41 -28.49
N LEU C 82 14.12 16.73 -27.41
CA LEU C 82 13.83 15.32 -27.24
C LEU C 82 12.57 15.10 -26.42
N ALA C 83 12.40 15.83 -25.32
CA ALA C 83 11.20 15.76 -24.52
C ALA C 83 11.00 17.07 -23.79
N SER C 84 9.74 17.34 -23.45
CA SER C 84 9.40 18.47 -22.60
C SER C 84 8.30 18.03 -21.66
N MET C 85 8.39 18.43 -20.40
CA MET C 85 7.50 17.94 -19.38
C MET C 85 7.17 19.07 -18.42
N SER C 86 6.01 18.98 -17.79
CA SER C 86 5.50 20.03 -16.93
C SER C 86 5.84 19.74 -15.47
N VAL C 87 6.28 20.76 -14.75
CA VAL C 87 6.75 20.62 -13.38
C VAL C 87 5.53 20.72 -12.46
N GLN C 88 5.06 19.58 -11.98
CA GLN C 88 3.85 19.49 -11.19
C GLN C 88 3.80 18.11 -10.55
N PRO C 89 2.89 17.86 -9.58
CA PRO C 89 2.83 16.51 -9.01
C PRO C 89 2.14 15.48 -9.88
N PHE C 90 1.18 15.89 -10.69
CA PHE C 90 0.28 14.92 -11.31
C PHE C 90 0.90 14.40 -12.59
N CYS C 91 1.72 13.39 -12.41
CA CYS C 91 2.44 12.72 -13.49
C CYS C 91 1.79 11.34 -13.63
N ILE C 92 0.84 11.22 -14.55
CA ILE C 92 0.14 9.96 -14.78
C ILE C 92 0.40 9.51 -16.21
N ASP C 93 -0.14 8.35 -16.58
CA ASP C 93 -0.07 7.88 -17.95
C ASP C 93 -1.26 6.97 -18.21
N THR C 94 -1.91 7.14 -19.35
CA THR C 94 -3.16 6.46 -19.63
C THR C 94 -2.98 5.38 -20.70
N VAL C 95 -3.81 4.35 -20.59
CA VAL C 95 -3.91 3.28 -21.59
C VAL C 95 -5.37 3.20 -21.99
N THR C 96 -5.71 3.66 -23.18
CA THR C 96 -7.09 3.55 -23.62
C THR C 96 -7.28 2.28 -24.44
N ALA C 97 -8.45 1.67 -24.28
CA ALA C 97 -8.87 0.53 -25.08
C ALA C 97 -10.39 0.55 -25.04
N SER C 98 -11.03 0.81 -26.18
CA SER C 98 -12.20 1.68 -26.39
C SER C 98 -13.25 1.81 -25.27
N PRO C 99 -13.74 0.76 -24.61
CA PRO C 99 -14.55 1.02 -23.41
C PRO C 99 -13.79 1.49 -22.18
N VAL C 100 -12.61 0.93 -21.89
CA VAL C 100 -11.88 1.23 -20.67
C VAL C 100 -10.75 2.22 -20.95
N THR C 101 -10.35 2.92 -19.89
CA THR C 101 -9.24 3.87 -19.96
C THR C 101 -8.49 3.79 -18.64
N GLU C 102 -7.38 3.05 -18.64
CA GLU C 102 -6.58 2.84 -17.45
C GLU C 102 -5.75 4.07 -17.16
N ILE C 103 -5.64 4.43 -15.88
CA ILE C 103 -4.81 5.54 -15.43
C ILE C 103 -3.77 4.98 -14.48
N HIS C 104 -2.51 5.03 -14.88
CA HIS C 104 -1.40 4.57 -14.07
C HIS C 104 -0.70 5.78 -13.49
N SER C 105 -0.69 5.90 -12.17
CA SER C 105 -0.24 7.12 -11.53
C SER C 105 1.00 6.89 -10.69
N THR C 106 1.86 7.89 -10.67
CA THR C 106 3.04 7.96 -9.84
C THR C 106 2.62 8.06 -8.38
N ALA C 107 3.49 7.61 -7.46
CA ALA C 107 3.30 7.85 -6.04
C ALA C 107 3.26 9.34 -5.70
N LEU C 108 3.94 10.17 -6.49
CA LEU C 108 3.82 11.62 -6.35
C LEU C 108 2.42 12.09 -6.73
N ALA C 109 1.83 11.49 -7.76
CA ALA C 109 0.46 11.81 -8.13
C ALA C 109 -0.56 11.10 -7.28
N PHE C 110 -0.19 9.97 -6.67
CA PHE C 110 -1.10 9.28 -5.75
C PHE C 110 -1.27 10.06 -4.46
N ALA C 111 -0.18 10.56 -3.90
CA ALA C 111 -0.21 11.20 -2.59
C ALA C 111 -0.65 12.66 -2.63
N SER C 112 -1.01 13.18 -3.79
CA SER C 112 -1.42 14.57 -3.90
C SER C 112 -2.78 14.77 -4.53
N ALA C 113 -3.49 13.69 -4.86
CA ALA C 113 -4.85 13.73 -5.37
C ALA C 113 -5.93 14.20 -4.38
N PRO C 114 -5.92 13.84 -3.05
CA PRO C 114 -6.99 14.38 -2.19
C PRO C 114 -6.89 15.85 -1.82
N PHE C 115 -5.99 16.61 -2.43
CA PHE C 115 -5.73 17.97 -2.01
C PHE C 115 -5.99 18.94 -3.15
N GLU C 116 -6.12 20.22 -2.81
CA GLU C 116 -6.41 21.25 -3.79
C GLU C 116 -5.30 22.28 -3.98
N THR C 117 -4.34 22.36 -3.09
CA THR C 117 -3.17 23.21 -3.31
C THR C 117 -1.90 22.41 -3.07
N TRP C 118 -0.84 22.78 -3.78
CA TRP C 118 0.46 22.17 -3.59
C TRP C 118 1.53 23.24 -3.71
N GLN C 119 2.70 22.96 -3.17
CA GLN C 119 3.87 23.78 -3.39
C GLN C 119 5.10 22.91 -3.22
N GLY C 120 6.25 23.46 -3.60
CA GLY C 120 7.49 22.76 -3.35
C GLY C 120 8.27 22.41 -4.58
N SER C 121 9.25 21.53 -4.43
CA SER C 121 10.17 21.17 -5.49
C SER C 121 9.89 19.75 -5.97
N ILE C 122 10.09 19.52 -7.26
CA ILE C 122 9.83 18.22 -7.88
C ILE C 122 11.16 17.68 -8.41
N LYS C 123 11.44 16.41 -8.14
CA LYS C 123 12.71 15.82 -8.48
C LYS C 123 12.53 14.90 -9.68
N PHE C 124 13.32 15.12 -10.74
CA PHE C 124 13.23 14.34 -11.95
C PHE C 124 14.52 13.56 -12.16
N HIS C 125 14.42 12.25 -12.27
CA HIS C 125 15.58 11.39 -12.42
C HIS C 125 15.64 10.88 -13.86
N PHE C 126 16.67 11.28 -14.58
CA PHE C 126 16.85 10.92 -15.98
C PHE C 126 17.88 9.80 -16.07
N LYS C 127 17.59 8.84 -16.93
CA LYS C 127 18.33 7.57 -16.96
C LYS C 127 18.53 7.16 -18.42
N VAL C 128 19.74 7.36 -18.93
CA VAL C 128 20.05 7.13 -20.34
C VAL C 128 20.51 5.69 -20.51
N VAL C 129 19.80 4.94 -21.35
CA VAL C 129 20.19 3.56 -21.64
C VAL C 129 20.98 3.56 -22.96
N CYS C 130 22.26 3.23 -22.84
CA CYS C 130 23.18 3.29 -23.97
C CYS C 130 24.39 2.44 -23.63
N SER C 131 25.20 2.17 -24.64
CA SER C 131 26.44 1.45 -24.43
C SER C 131 27.53 2.42 -23.96
N GLU C 132 28.75 1.92 -23.82
CA GLU C 132 29.83 2.78 -23.37
C GLU C 132 30.35 3.69 -24.47
N TYR C 133 29.97 3.44 -25.71
CA TYR C 133 30.54 4.15 -26.85
C TYR C 133 29.57 5.17 -27.42
N HIS C 134 28.43 5.38 -26.77
CA HIS C 134 27.48 6.40 -27.14
C HIS C 134 27.78 7.64 -26.30
N ARG C 135 28.17 8.72 -26.96
CA ARG C 135 28.60 9.93 -26.29
C ARG C 135 27.83 11.13 -26.80
N GLY C 136 27.70 12.15 -25.96
CA GLY C 136 27.00 13.36 -26.34
C GLY C 136 26.72 14.21 -25.13
N ARG C 137 26.08 15.34 -25.37
CA ARG C 137 25.64 16.24 -24.30
C ARG C 137 24.13 16.43 -24.40
N LEU C 138 23.44 16.23 -23.29
CA LEU C 138 22.07 16.66 -23.18
C LEU C 138 22.04 18.06 -22.57
N ARG C 139 20.85 18.62 -22.44
CA ARG C 139 20.71 19.97 -21.92
C ARG C 139 19.31 20.09 -21.31
N LEU C 140 19.23 20.57 -20.08
CA LEU C 140 17.97 20.59 -19.32
C LEU C 140 17.50 22.01 -19.08
N VAL C 141 16.58 22.49 -19.91
CA VAL C 141 16.02 23.83 -19.79
C VAL C 141 14.93 23.84 -18.73
N TYR C 142 15.04 24.74 -17.77
CA TYR C 142 13.89 25.14 -16.98
C TYR C 142 13.37 26.47 -17.53
N ASN C 143 12.07 26.51 -17.85
CA ASN C 143 11.49 27.75 -18.32
C ASN C 143 10.19 27.87 -17.54
N PRO C 144 9.97 29.00 -16.84
CA PRO C 144 8.71 29.14 -16.10
C PRO C 144 7.48 29.23 -16.98
N LEU C 145 7.60 29.79 -18.18
CA LEU C 145 6.42 29.88 -19.02
C LEU C 145 6.35 28.77 -20.05
N THR C 146 7.20 28.81 -21.07
CA THR C 146 7.17 27.88 -22.19
C THR C 146 8.37 28.18 -23.06
N ASN C 147 8.77 27.19 -23.86
CA ASN C 147 9.91 27.35 -24.74
C ASN C 147 9.43 27.68 -26.15
N ASN C 148 10.22 28.47 -26.85
CA ASN C 148 9.86 28.87 -28.21
C ASN C 148 10.03 27.70 -29.18
N ALA C 149 9.56 27.92 -30.40
CA ALA C 149 9.41 26.83 -31.36
C ALA C 149 10.72 26.40 -32.00
N GLY C 150 11.82 27.11 -31.78
CA GLY C 150 13.08 26.75 -32.40
C GLY C 150 14.15 26.37 -31.40
N PRO C 151 15.36 26.87 -31.62
CA PRO C 151 16.41 26.72 -30.60
C PRO C 151 16.19 27.66 -29.43
N VAL C 152 16.59 27.20 -28.25
CA VAL C 152 16.52 27.99 -27.03
C VAL C 152 17.93 28.47 -26.70
N ALA C 153 18.08 29.76 -26.42
CA ALA C 153 19.40 30.34 -26.20
C ALA C 153 19.97 29.92 -24.85
N PHE C 154 21.31 29.97 -24.72
CA PHE C 154 21.94 29.60 -23.46
C PHE C 154 21.78 30.68 -22.41
N ASN C 155 21.70 31.94 -22.80
CA ASN C 155 21.19 32.93 -21.86
C ASN C 155 19.67 32.85 -21.87
N GLN C 156 19.02 33.63 -21.02
CA GLN C 156 17.57 33.82 -20.87
C GLN C 156 16.80 32.58 -20.42
N VAL C 157 17.46 31.44 -20.18
CA VAL C 157 16.88 30.30 -19.46
C VAL C 157 17.90 29.74 -18.48
N TYR C 158 17.40 28.88 -17.59
CA TYR C 158 18.19 28.08 -16.67
C TYR C 158 18.46 26.72 -17.32
N SER C 159 19.73 26.34 -17.42
CA SER C 159 20.12 25.11 -18.10
C SER C 159 21.36 24.52 -17.43
N THR C 160 21.64 23.25 -17.72
CA THR C 160 22.71 22.54 -17.03
C THR C 160 23.78 21.95 -17.94
N THR C 161 23.39 21.32 -19.05
CA THR C 161 24.29 20.72 -20.06
C THR C 161 25.19 19.63 -19.46
N ILE C 162 24.54 18.51 -19.16
CA ILE C 162 25.21 17.34 -18.59
C ILE C 162 25.90 16.54 -19.70
N ASP C 163 27.15 16.15 -19.46
CA ASP C 163 27.82 15.15 -20.28
C ASP C 163 27.43 13.75 -19.80
N ILE C 164 27.09 12.87 -20.73
CA ILE C 164 26.60 11.55 -20.37
C ILE C 164 27.71 10.51 -20.42
N SER C 165 28.97 10.94 -20.36
CA SER C 165 30.08 9.99 -20.22
C SER C 165 30.27 9.60 -18.76
N ASN C 166 30.29 10.58 -17.87
CA ASN C 166 30.47 10.32 -16.44
C ASN C 166 29.17 10.10 -15.70
N ASP C 167 28.09 10.74 -16.14
CA ASP C 167 26.80 10.70 -15.46
C ASP C 167 25.74 10.27 -16.46
N ARG C 168 25.54 8.97 -16.61
CA ARG C 168 24.48 8.49 -17.47
C ARG C 168 23.13 8.57 -16.76
N GLU C 169 23.15 8.57 -15.43
CA GLU C 169 21.93 8.66 -14.63
C GLU C 169 22.10 9.80 -13.66
N PHE C 170 21.09 10.65 -13.56
CA PHE C 170 21.25 11.90 -12.82
C PHE C 170 19.87 12.47 -12.50
N ASP C 171 19.71 13.07 -11.32
CA ASP C 171 18.45 13.71 -11.05
C ASP C 171 18.60 15.22 -10.86
N TYR C 172 17.51 15.91 -11.12
CA TYR C 172 17.46 17.35 -11.27
C TYR C 172 16.27 17.84 -10.48
N GLU C 173 16.48 18.74 -9.54
CA GLU C 173 15.44 19.16 -8.61
C GLU C 173 14.94 20.54 -9.01
N CYS C 174 13.70 20.61 -9.48
CA CYS C 174 13.10 21.86 -9.89
C CYS C 174 12.45 22.50 -8.68
N LYS C 175 13.05 23.60 -8.20
CA LYS C 175 12.60 24.32 -7.02
C LYS C 175 11.40 25.19 -7.36
N TRP C 176 10.93 25.93 -6.36
CA TRP C 176 9.75 26.77 -6.49
C TRP C 176 10.16 28.16 -6.93
N THR C 177 9.77 28.55 -8.14
CA THR C 177 10.06 29.87 -8.70
C THR C 177 8.80 30.48 -9.29
N ASP C 178 7.72 30.47 -8.53
CA ASP C 178 6.44 30.95 -9.05
C ASP C 178 6.05 32.24 -8.33
N ILE C 179 5.10 32.95 -8.95
CA ILE C 179 4.66 34.25 -8.42
C ILE C 179 3.72 34.12 -7.24
N ARG C 180 3.23 32.92 -6.95
CA ARG C 180 2.35 32.63 -5.84
C ARG C 180 3.16 32.01 -4.71
N ALA C 181 2.46 31.51 -3.70
CA ALA C 181 3.06 30.57 -2.78
C ALA C 181 2.56 29.17 -2.96
N TRP C 182 1.31 29.00 -3.39
CA TRP C 182 0.66 27.72 -3.57
C TRP C 182 0.05 27.71 -4.97
N ASN C 183 0.31 26.66 -5.73
CA ASN C 183 -0.41 26.44 -6.97
C ASN C 183 -1.61 25.54 -6.72
N ALA C 184 -2.47 25.44 -7.73
CA ALA C 184 -3.63 24.58 -7.63
C ALA C 184 -3.29 23.16 -8.05
N CYS C 185 -4.11 22.22 -7.60
CA CYS C 185 -3.98 20.82 -7.99
C CYS C 185 -4.99 20.43 -9.06
N ILE C 186 -4.54 19.87 -10.18
CA ILE C 186 -5.44 19.50 -11.27
C ILE C 186 -6.23 18.26 -10.88
N GLY C 187 -5.60 17.39 -10.11
CA GLY C 187 -6.16 16.10 -9.80
C GLY C 187 -5.80 15.07 -10.86
N ILE C 188 -5.97 13.80 -10.49
CA ILE C 188 -5.78 12.71 -11.45
C ILE C 188 -6.93 12.71 -12.46
N ASP C 189 -8.08 13.22 -12.03
CA ASP C 189 -9.23 13.36 -12.91
C ASP C 189 -9.02 14.41 -14.00
N GLY C 190 -8.23 15.44 -13.72
CA GLY C 190 -8.04 16.52 -14.66
C GLY C 190 -6.77 16.40 -15.45
N ALA C 191 -5.83 15.59 -14.96
CA ALA C 191 -4.56 15.38 -15.64
C ALA C 191 -4.67 14.43 -16.81
N THR C 192 -5.78 13.70 -16.93
CA THR C 192 -5.95 12.75 -18.01
C THR C 192 -6.35 13.41 -19.32
N SER C 193 -6.73 14.68 -19.31
CA SER C 193 -7.12 15.38 -20.52
C SER C 193 -6.10 16.38 -21.02
N ALA C 194 -5.09 16.70 -20.22
CA ALA C 194 -4.10 17.71 -20.57
C ALA C 194 -2.78 17.06 -20.96
N THR C 195 -1.98 17.79 -21.73
CA THR C 195 -0.69 17.31 -22.21
C THR C 195 0.40 17.75 -21.26
N PHE C 196 1.12 16.80 -20.70
CA PHE C 196 2.16 17.05 -19.71
C PHE C 196 3.50 16.46 -20.11
N PHE C 197 3.56 15.79 -21.25
CA PHE C 197 4.80 15.21 -21.77
C PHE C 197 4.57 15.12 -23.27
N ASN C 198 5.33 15.89 -24.05
CA ASN C 198 4.96 16.06 -25.45
C ASN C 198 5.90 15.39 -26.42
N THR C 199 7.23 15.49 -26.20
CA THR C 199 8.35 14.88 -26.93
C THR C 199 8.36 15.15 -28.45
N ALA C 200 7.50 16.02 -28.93
CA ALA C 200 7.43 16.52 -30.30
C ALA C 200 7.44 18.03 -30.36
N ALA C 201 6.79 18.69 -29.40
CA ALA C 201 6.90 20.12 -29.20
C ALA C 201 7.12 20.36 -27.71
N ALA C 202 7.07 21.61 -27.28
CA ALA C 202 7.22 21.95 -25.88
C ALA C 202 5.85 22.09 -25.24
N VAL C 203 5.72 21.63 -23.99
CA VAL C 203 4.44 21.71 -23.32
C VAL C 203 4.18 23.14 -22.89
N THR C 204 2.92 23.43 -22.58
CA THR C 204 2.48 24.76 -22.20
C THR C 204 2.43 24.84 -20.69
N GLY C 205 3.39 25.53 -20.09
CA GLY C 205 3.34 25.88 -18.69
C GLY C 205 2.87 27.31 -18.50
N GLY C 206 3.22 27.87 -17.34
CA GLY C 206 2.75 29.20 -16.99
C GLY C 206 1.33 29.25 -16.47
N THR C 207 0.65 28.12 -16.39
CA THR C 207 -0.69 28.03 -15.84
C THR C 207 -0.64 28.20 -14.32
N PRO C 208 -1.79 28.44 -13.66
CA PRO C 208 -1.79 28.42 -12.20
C PRO C 208 -1.72 27.03 -11.57
N PHE C 209 -1.52 26.00 -12.39
CA PHE C 209 -1.53 24.63 -11.93
C PHE C 209 -0.15 24.00 -11.81
N ASP C 210 0.87 24.57 -12.44
CA ASP C 210 2.20 23.97 -12.45
C ASP C 210 3.26 25.00 -12.09
N ASN C 211 4.52 24.55 -12.09
CA ASN C 211 5.67 25.36 -11.74
C ASN C 211 6.58 25.60 -12.93
N GLY C 212 6.05 25.51 -14.15
CA GLY C 212 6.82 25.79 -15.34
C GLY C 212 6.97 24.54 -16.19
N THR C 213 8.11 24.45 -16.88
CA THR C 213 8.37 23.30 -17.73
C THR C 213 9.86 23.00 -17.75
N LEU C 214 10.15 21.70 -17.87
CA LEU C 214 11.50 21.16 -17.94
C LEU C 214 11.65 20.42 -19.25
N SER C 215 12.66 20.79 -20.03
CA SER C 215 12.82 20.27 -21.38
C SER C 215 14.23 19.75 -21.57
N VAL C 216 14.37 18.80 -22.49
CA VAL C 216 15.66 18.18 -22.79
C VAL C 216 15.99 18.46 -24.25
N TYR C 217 17.15 19.06 -24.48
CA TYR C 217 17.69 19.38 -25.79
C TYR C 217 19.01 18.67 -25.98
N VAL C 218 19.48 18.67 -27.22
CA VAL C 218 20.74 18.06 -27.61
C VAL C 218 21.76 19.17 -27.80
N VAL C 219 22.94 19.02 -27.21
CA VAL C 219 24.01 19.98 -27.46
C VAL C 219 25.00 19.37 -28.45
N ASN C 220 25.57 18.24 -28.10
CA ASN C 220 26.43 17.50 -29.01
C ASN C 220 25.74 16.23 -29.47
N GLU C 221 25.99 15.87 -30.72
CA GLU C 221 25.31 14.74 -31.35
C GLU C 221 25.75 13.42 -30.75
N LEU C 222 24.95 12.40 -30.98
CA LEU C 222 25.25 11.08 -30.47
C LEU C 222 26.34 10.43 -31.32
N ALA C 223 27.45 10.08 -30.70
CA ALA C 223 28.56 9.43 -31.38
C ALA C 223 28.39 7.92 -31.31
N THR C 224 28.68 7.24 -32.42
CA THR C 224 28.40 5.82 -32.55
C THR C 224 29.68 5.03 -32.83
N PRO C 225 29.78 3.79 -32.35
CA PRO C 225 30.98 2.99 -32.59
C PRO C 225 31.00 2.25 -33.91
N SER C 226 29.91 2.24 -34.67
CA SER C 226 29.85 1.47 -35.91
C SER C 226 28.77 2.07 -36.79
N THR C 227 28.44 1.36 -37.87
CA THR C 227 27.40 1.79 -38.79
C THR C 227 26.02 1.24 -38.43
N ALA C 228 25.91 0.58 -37.28
CA ALA C 228 24.63 0.02 -36.86
C ALA C 228 23.69 1.12 -36.39
N ALA C 229 22.39 0.89 -36.55
CA ALA C 229 21.39 1.84 -36.10
C ALA C 229 21.25 1.73 -34.58
N ALA C 230 21.46 2.83 -33.88
CA ALA C 230 21.46 2.84 -32.43
C ALA C 230 20.18 3.50 -31.92
N ASP C 231 19.41 2.77 -31.12
CA ASP C 231 18.15 3.26 -30.58
C ASP C 231 18.35 3.51 -29.09
N VAL C 232 18.82 4.70 -28.76
CA VAL C 232 19.09 5.12 -27.39
C VAL C 232 17.81 5.71 -26.81
N LYS C 233 17.50 5.33 -25.58
CA LYS C 233 16.34 5.86 -24.88
C LYS C 233 16.75 6.48 -23.56
N VAL C 234 15.89 7.36 -23.06
CA VAL C 234 16.06 8.02 -21.77
C VAL C 234 14.78 7.82 -20.98
N GLN C 235 14.92 7.47 -19.71
CA GLN C 235 13.81 7.24 -18.81
C GLN C 235 13.65 8.43 -17.88
N VAL C 236 12.41 8.86 -17.67
CA VAL C 236 12.08 9.93 -16.74
C VAL C 236 11.34 9.30 -15.57
N TRP C 237 11.97 9.35 -14.41
CA TRP C 237 11.46 8.98 -13.09
C TRP C 237 11.16 10.28 -12.37
N VAL C 238 10.22 10.24 -11.43
CA VAL C 238 9.78 11.49 -10.82
C VAL C 238 9.41 11.26 -9.35
N SER C 239 9.75 12.23 -8.51
CA SER C 239 9.57 12.15 -7.07
C SER C 239 9.31 13.55 -6.54
N ALA C 240 8.99 13.63 -5.26
CA ALA C 240 8.85 14.91 -4.58
C ALA C 240 10.21 15.33 -4.03
N GLY C 241 10.48 16.63 -4.08
CA GLY C 241 11.67 17.17 -3.46
C GLY C 241 11.45 17.37 -1.97
N ASP C 242 12.40 18.08 -1.37
CA ASP C 242 12.36 18.25 0.07
C ASP C 242 11.34 19.31 0.49
N ASP C 243 11.04 20.26 -0.39
CA ASP C 243 10.11 21.35 -0.10
C ASP C 243 8.65 20.96 -0.19
N PHE C 244 8.34 19.76 -0.67
CA PHE C 244 7.01 19.50 -1.21
C PHE C 244 5.96 19.42 -0.12
N ALA C 245 4.89 20.21 -0.29
CA ALA C 245 3.79 20.25 0.65
C ALA C 245 2.48 20.32 -0.11
N VAL C 246 1.43 19.83 0.53
CA VAL C 246 0.07 19.84 -0.01
C VAL C 246 -0.88 20.36 1.05
N ALA C 247 -1.98 20.96 0.60
CA ALA C 247 -2.95 21.57 1.51
C ALA C 247 -4.31 21.61 0.83
N VAL C 248 -5.31 22.11 1.57
CA VAL C 248 -6.72 22.22 1.19
C VAL C 248 -7.28 20.87 0.75
N PRO C 249 -7.69 20.00 1.68
CA PRO C 249 -8.33 18.74 1.28
C PRO C 249 -9.62 19.00 0.49
N GLY C 250 -9.72 18.35 -0.66
CA GLY C 250 -10.78 18.69 -1.58
C GLY C 250 -11.49 17.51 -2.23
N VAL C 251 -12.04 17.75 -3.42
CA VAL C 251 -12.91 16.79 -4.08
C VAL C 251 -12.19 16.14 -5.24
N GLY C 252 -10.86 16.02 -5.13
CA GLY C 252 -10.03 15.55 -6.22
C GLY C 252 -10.19 14.09 -6.55
N LEU C 253 -10.69 13.28 -5.62
CA LEU C 253 -10.83 11.85 -5.84
C LEU C 253 -12.27 11.38 -5.70
N SER C 254 -13.24 12.28 -5.82
CA SER C 254 -14.64 11.88 -5.74
C SER C 254 -15.13 11.17 -6.98
N GLN C 255 -14.41 11.26 -8.09
CA GLN C 255 -14.83 10.68 -9.35
C GLN C 255 -13.94 9.51 -9.77
N LEU C 256 -12.96 9.15 -8.95
CA LEU C 256 -12.06 8.06 -9.27
C LEU C 256 -12.63 6.73 -8.81
N SER C 257 -12.07 5.65 -9.34
CA SER C 257 -12.59 4.31 -9.07
C SER C 257 -11.50 3.29 -9.36
N TYR C 258 -11.64 2.11 -8.76
CA TYR C 258 -10.74 0.99 -9.03
C TYR C 258 -11.40 -0.10 -9.86
N PHE C 259 -12.54 0.20 -10.46
CA PHE C 259 -13.26 -0.75 -11.30
C PHE C 259 -13.40 -0.16 -12.69
N GLN C 260 -13.18 -0.99 -13.71
CA GLN C 260 -13.09 -0.50 -15.06
C GLN C 260 -14.46 -0.10 -15.60
N GLN C 261 -14.46 0.55 -16.76
CA GLN C 261 -15.56 1.44 -17.15
C GLN C 261 -16.84 0.70 -17.48
N GLN C 262 -16.78 -0.59 -17.81
CA GLN C 262 -17.88 -1.40 -18.36
C GLN C 262 -18.53 -0.74 -19.58
N GLU D 1 -2.85 11.04 25.93
CA GLU D 1 -3.61 9.85 26.26
C GLU D 1 -5.07 10.17 26.56
N PHE D 2 -5.78 9.26 27.20
CA PHE D 2 -7.13 9.53 27.67
C PHE D 2 -7.06 10.51 28.83
N LYS D 3 -7.14 11.80 28.55
CA LYS D 3 -7.07 12.83 29.57
C LYS D 3 -8.25 13.77 29.40
N HIS D 4 -8.56 14.50 30.47
CA HIS D 4 -9.69 15.40 30.46
C HIS D 4 -9.27 16.71 29.79
N ASP D 5 -9.99 17.07 28.72
CA ASP D 5 -9.78 18.29 27.91
C ASP D 5 -8.36 18.35 27.35
N GLY D 6 -8.09 17.41 26.44
CA GLY D 6 -6.78 17.31 25.84
C GLY D 6 -6.59 18.18 24.62
N LEU D 7 -7.68 18.66 24.03
CA LEU D 7 -7.58 19.52 22.86
C LEU D 7 -7.13 20.93 23.21
N ILE D 8 -7.37 21.37 24.45
CA ILE D 8 -6.95 22.70 24.89
C ILE D 8 -5.44 22.79 24.96
N SER D 9 -4.77 21.71 25.35
CA SER D 9 -3.33 21.72 25.59
C SER D 9 -2.53 21.33 24.35
N LYS D 10 -3.16 21.22 23.20
CA LYS D 10 -2.43 20.94 21.97
C LYS D 10 -2.07 22.23 21.26
N PRO D 11 -1.10 22.19 20.35
CA PRO D 11 -1.00 23.28 19.36
C PRO D 11 -1.95 23.04 18.19
N ALA D 12 -2.24 21.75 17.99
CA ALA D 12 -3.45 21.13 17.44
C ALA D 12 -3.73 21.25 15.95
N SER D 13 -3.14 22.22 15.25
CA SER D 13 -3.48 22.28 13.83
C SER D 13 -2.37 22.76 12.92
N ALA D 14 -1.37 23.45 13.46
CA ALA D 14 -0.88 24.61 12.72
C ALA D 14 0.61 24.88 12.85
N VAL D 15 0.98 26.14 12.58
CA VAL D 15 2.34 26.67 12.63
C VAL D 15 3.13 26.31 13.88
N ALA D 16 2.69 26.80 15.04
CA ALA D 16 3.25 26.57 16.37
C ALA D 16 4.77 26.61 16.39
N LYS D 17 5.36 27.79 16.12
CA LYS D 17 6.61 28.01 15.37
C LYS D 17 7.66 26.91 15.45
N ALA D 18 7.86 26.34 16.63
CA ALA D 18 8.71 25.16 16.81
C ALA D 18 8.14 23.88 16.19
N ALA D 19 6.94 23.92 15.62
CA ALA D 19 6.38 22.77 14.93
C ALA D 19 6.72 22.74 13.45
N ASP D 20 7.84 23.33 13.04
CA ASP D 20 8.36 23.18 11.69
C ASP D 20 9.36 22.04 11.60
N ALA D 21 9.15 21.00 12.40
CA ALA D 21 9.90 19.74 12.30
C ALA D 21 9.12 18.72 11.49
N LEU D 22 8.46 19.18 10.43
CA LEU D 22 7.75 18.29 9.52
C LEU D 22 8.67 17.40 8.71
N SER D 23 9.96 17.77 8.62
CA SER D 23 10.96 16.95 7.94
C SER D 23 11.54 15.86 8.82
N MET D 24 11.03 15.69 10.04
CA MET D 24 11.46 14.62 10.93
C MET D 24 10.57 13.40 10.76
N ILE D 25 11.17 12.22 10.85
CA ILE D 25 10.45 10.95 10.74
C ILE D 25 9.99 10.53 12.13
N PRO D 26 8.77 10.04 12.29
CA PRO D 26 8.34 9.55 13.61
C PRO D 26 8.92 8.17 13.88
N TYR D 27 9.49 8.00 15.08
CA TYR D 27 10.00 6.71 15.51
C TYR D 27 8.96 6.02 16.37
N ILE D 28 8.63 4.77 16.04
CA ILE D 28 7.67 3.98 16.80
C ILE D 28 8.43 2.91 17.57
N ALA D 29 8.32 2.97 18.90
CA ALA D 29 8.91 2.00 19.81
C ALA D 29 8.30 0.62 19.56
N PRO D 30 9.04 -0.47 19.86
CA PRO D 30 8.66 -1.80 19.32
C PRO D 30 7.29 -2.35 19.66
N TYR D 31 6.61 -1.87 20.68
CA TYR D 31 5.22 -2.24 20.91
C TYR D 31 4.40 -1.03 21.30
N ALA D 32 4.62 0.07 20.58
CA ALA D 32 3.99 1.32 20.93
C ALA D 32 2.58 1.39 20.36
N LYS D 33 1.65 1.76 21.23
CA LYS D 33 0.28 2.13 20.88
C LYS D 33 0.27 3.52 20.26
N ALA D 34 -0.93 4.01 19.94
CA ALA D 34 -1.00 5.38 19.45
C ALA D 34 -1.39 6.36 20.53
N THR D 35 -2.09 5.89 21.57
CA THR D 35 -2.69 6.80 22.53
C THR D 35 -1.68 7.25 23.59
N SER D 36 -1.26 6.34 24.46
CA SER D 36 -0.39 6.68 25.58
C SER D 36 1.07 6.45 25.25
N MET D 37 1.52 7.02 24.14
CA MET D 37 2.80 6.71 23.51
C MET D 37 3.30 7.95 22.78
N VAL D 38 3.99 7.70 21.66
CA VAL D 38 4.94 8.55 20.92
C VAL D 38 4.59 10.03 20.80
N ALA D 39 3.30 10.38 20.91
CA ALA D 39 2.88 11.77 21.09
C ALA D 39 3.44 12.40 22.36
N ASP D 40 3.80 11.59 23.36
CA ASP D 40 4.55 12.10 24.50
C ASP D 40 6.00 11.65 24.53
N LYS D 41 6.41 10.71 23.67
CA LYS D 41 7.76 10.15 23.72
C LYS D 41 8.69 10.73 22.65
N ILE D 42 8.15 11.28 21.57
CA ILE D 42 8.97 11.97 20.58
C ILE D 42 9.13 13.42 21.01
N GLY D 43 8.01 14.14 21.11
CA GLY D 43 8.08 15.53 21.51
C GLY D 43 6.70 16.12 21.61
N LYS D 44 6.67 17.44 21.79
CA LYS D 44 5.40 18.15 21.92
C LYS D 44 4.64 18.18 20.60
N ILE D 45 5.35 18.18 19.49
CA ILE D 45 4.76 18.46 18.19
C ILE D 45 4.48 17.18 17.40
N ALA D 46 4.45 16.04 18.07
CA ALA D 46 4.15 14.77 17.41
C ALA D 46 2.67 14.54 17.21
N ARG D 47 1.85 15.57 17.35
CA ARG D 47 0.42 15.49 17.13
C ARG D 47 0.02 15.99 15.75
N ILE D 48 0.97 16.52 14.97
CA ILE D 48 0.71 16.84 13.58
C ILE D 48 0.89 15.63 12.67
N PHE D 49 1.52 14.57 13.15
CA PHE D 49 1.58 13.31 12.44
C PHE D 49 0.39 12.42 12.71
N GLY D 50 -0.56 12.88 13.51
CA GLY D 50 -1.76 12.14 13.80
C GLY D 50 -1.78 11.40 15.11
N TYR D 51 -0.73 11.51 15.91
CA TYR D 51 -0.67 10.77 17.17
C TYR D 51 -1.27 11.60 18.30
#